data_3QIM
#
_entry.id   3QIM
#
_cell.length_a   86.731
_cell.length_b   94.005
_cell.length_c   124.330
_cell.angle_alpha   90.00
_cell.angle_beta   90.00
_cell.angle_gamma   90.00
#
_symmetry.space_group_name_H-M   'P 21 21 21'
#
loop_
_entity.id
_entity.type
_entity.pdbx_description
1 polymer 'Nickel-binding periplasmic protein'
2 non-polymer GLYCEROL
3 non-polymer 'ACETATE ION'
4 non-polymer 'SULFATE ION'
5 water water
#
_entity_poly.entity_id   1
_entity_poly.type   'polypeptide(L)'
_entity_poly.pdbx_seq_one_letter_code
;AAPDEITTAWPVNVGPLNPHLYTPNQMFAQSMVYEPLVKYQADGSVIPWLAKSWTHSEDGKTWTFTLRDDVKFSNGEPFD
AEAAAENFRAVLDNRQRHAWLELANQIVDVKALSKTELQITLKSAYYPFLQELALPRPFRFIAPSQFKNHETMNGIKAPI
GTGPWILQESKLNQYDVFVRNENYWGEKPAIKKITFNVIPDPTTRAVAFETGDIDLLYGNEGLLPLDTFARFSQNPAYHT
QLSQPIETVMLALNTAKAPTNELAVREALNYAVNKKSLIDNALYGTQQVADTLFAPSVPYANLGLKPSQYDPQKAKALLE
KAGWTLPAGKDIREKNGQPLRIELSFIGTDALSKSMAEIIQADMRQIGADVSLIGEEESSIYARQRDGRFGMIFHRTWGA
PYDPHAFLSSMRVPSIADFQAQQGLADKPLIDKEIGEVLATHDETQRQALYRDILTRLHDEAVYLPISYISMMVVSKPEL
GNIPYAPIATEIPFEQIKPVKP
;
_entity_poly.pdbx_strand_id   A,B
#
loop_
_chem_comp.id
_chem_comp.type
_chem_comp.name
_chem_comp.formula
ACT non-polymer 'ACETATE ION' 'C2 H3 O2 -1'
GOL non-polymer GLYCEROL 'C3 H8 O3'
SO4 non-polymer 'SULFATE ION' 'O4 S -2'
#
# COMPACT_ATOMS: atom_id res chain seq x y z
N ALA A 2 -23.26 22.51 7.30
CA ALA A 2 -22.29 22.54 6.16
C ALA A 2 -21.37 21.29 6.13
N PRO A 3 -21.95 20.05 6.08
CA PRO A 3 -21.10 18.83 6.10
C PRO A 3 -20.41 18.58 4.75
N ASP A 4 -20.51 19.59 3.90
CA ASP A 4 -19.93 19.54 2.56
C ASP A 4 -18.92 20.68 2.39
N GLU A 5 -18.56 21.30 3.51
CA GLU A 5 -17.49 22.28 3.61
C GLU A 5 -16.57 21.80 4.71
N ILE A 6 -15.28 21.66 4.40
CA ILE A 6 -14.29 21.34 5.40
C ILE A 6 -13.20 22.42 5.55
N THR A 7 -12.55 22.42 6.71
CA THR A 7 -11.49 23.35 7.00
C THR A 7 -10.28 22.53 7.44
N THR A 8 -9.14 22.79 6.82
CA THR A 8 -7.93 22.08 7.14
C THR A 8 -6.85 23.11 7.37
N ALA A 9 -5.58 22.72 7.37
CA ALA A 9 -4.51 23.64 7.66
C ALA A 9 -3.25 23.29 6.86
N TRP A 10 -2.37 24.27 6.67
CA TRP A 10 -1.13 24.06 5.94
C TRP A 10 -0.09 25.01 6.50
N PRO A 11 1.20 24.62 6.54
CA PRO A 11 2.07 25.55 7.25
C PRO A 11 2.17 26.93 6.58
N VAL A 12 1.99 26.97 5.25
CA VAL A 12 2.00 28.24 4.48
C VAL A 12 0.81 28.30 3.51
N ASN A 13 0.61 29.50 2.92
CA ASN A 13 -0.30 29.74 1.80
C ASN A 13 0.08 28.89 0.60
N VAL A 14 -0.84 28.75 -0.35
CA VAL A 14 -0.62 27.76 -1.45
C VAL A 14 0.31 28.25 -2.55
N GLY A 15 0.63 29.55 -2.55
CA GLY A 15 1.43 30.15 -3.64
C GLY A 15 0.58 30.68 -4.80
N PRO A 16 1.24 31.20 -5.86
CA PRO A 16 0.56 31.70 -7.08
C PRO A 16 -0.21 30.64 -7.83
N LEU A 17 0.10 29.36 -7.62
CA LEU A 17 -0.46 28.23 -8.37
C LEU A 17 -0.14 28.29 -9.87
N ASN A 18 1.10 28.67 -10.15
CA ASN A 18 1.70 28.39 -11.45
C ASN A 18 1.92 26.89 -11.58
N PRO A 19 1.32 26.24 -12.61
CA PRO A 19 1.51 24.79 -12.73
C PRO A 19 2.91 24.42 -13.16
N HIS A 20 3.70 25.41 -13.62
CA HIS A 20 5.04 25.07 -14.16
C HIS A 20 6.24 25.50 -13.33
N LEU A 21 6.01 26.08 -12.14
CA LEU A 21 7.08 26.48 -11.26
C LEU A 21 7.01 25.76 -9.91
N TYR A 22 7.95 26.09 -9.02
CA TYR A 22 8.17 25.35 -7.79
C TYR A 22 7.91 26.27 -6.59
N THR A 23 8.78 26.29 -5.58
CA THR A 23 8.53 27.18 -4.43
C THR A 23 8.22 28.63 -4.85
N PRO A 24 7.25 29.30 -4.19
CA PRO A 24 6.41 28.91 -3.07
C PRO A 24 5.12 28.13 -3.45
N ASN A 25 5.01 27.67 -4.69
CA ASN A 25 3.85 26.86 -5.11
C ASN A 25 3.82 25.57 -4.31
N GLN A 26 2.68 25.28 -3.68
CA GLN A 26 2.54 24.01 -2.92
C GLN A 26 1.94 22.97 -3.80
N MET A 27 2.58 21.82 -3.85
CA MET A 27 2.21 20.77 -4.79
C MET A 27 0.81 20.22 -4.63
N PHE A 28 0.33 20.13 -3.39
CA PHE A 28 -1.01 19.56 -3.23
C PHE A 28 -2.00 20.46 -3.97
N ALA A 29 -1.76 21.78 -3.92
CA ALA A 29 -2.69 22.76 -4.46
C ALA A 29 -2.65 22.76 -5.99
N GLN A 30 -1.45 22.62 -6.55
CA GLN A 30 -1.27 22.52 -7.99
C GLN A 30 -2.01 21.29 -8.50
N SER A 31 -1.92 20.19 -7.76
CA SER A 31 -2.62 19.00 -8.18
C SER A 31 -4.15 19.10 -8.03
N MET A 32 -4.66 19.96 -7.17
CA MET A 32 -6.11 20.15 -7.01
C MET A 32 -6.73 20.81 -8.24
N VAL A 33 -5.98 21.75 -8.84
CA VAL A 33 -6.45 22.62 -9.90
C VAL A 33 -6.03 22.14 -11.28
N TYR A 34 -4.83 21.60 -11.39
CA TYR A 34 -4.29 21.18 -12.69
C TYR A 34 -4.22 19.67 -12.83
N GLU A 35 -4.33 19.24 -14.07
CA GLU A 35 -4.44 17.84 -14.35
C GLU A 35 -3.43 17.40 -15.38
N PRO A 36 -3.11 16.09 -15.37
CA PRO A 36 -2.15 15.50 -16.31
C PRO A 36 -2.82 14.86 -17.52
N LEU A 37 -2.04 14.47 -18.52
CA LEU A 37 -2.59 13.71 -19.65
C LEU A 37 -2.99 12.28 -19.23
N VAL A 38 -2.20 11.73 -18.32
CA VAL A 38 -2.40 10.36 -17.86
C VAL A 38 -2.30 10.38 -16.36
N LYS A 39 -3.07 9.54 -15.70
CA LYS A 39 -3.12 9.58 -14.23
C LYS A 39 -2.47 8.36 -13.55
N TYR A 40 -1.64 8.62 -12.55
CA TYR A 40 -0.93 7.54 -11.85
C TYR A 40 -1.85 6.80 -10.86
N GLN A 41 -1.76 5.47 -10.84
CA GLN A 41 -2.56 4.63 -9.92
C GLN A 41 -1.66 3.88 -8.94
N ALA A 42 -2.23 3.45 -7.80
CA ALA A 42 -1.46 2.73 -6.77
C ALA A 42 -0.73 1.50 -7.32
N ASP A 43 -1.26 0.85 -8.37
CA ASP A 43 -0.64 -0.37 -8.88
C ASP A 43 0.55 -0.12 -9.79
N GLY A 44 0.88 1.15 -10.02
CA GLY A 44 2.08 1.45 -10.77
C GLY A 44 1.80 1.84 -12.21
N SER A 45 0.62 1.49 -12.70
CA SER A 45 0.24 1.88 -14.05
C SER A 45 -0.24 3.35 -14.08
N VAL A 46 -0.34 3.89 -15.28
CA VAL A 46 -1.08 5.13 -15.50
C VAL A 46 -2.37 4.77 -16.23
N ILE A 47 -3.41 5.56 -16.03
CA ILE A 47 -4.65 5.37 -16.78
C ILE A 47 -4.90 6.61 -17.67
N PRO A 48 -5.74 6.45 -18.71
CA PRO A 48 -6.17 7.64 -19.47
C PRO A 48 -6.77 8.71 -18.56
N TRP A 49 -6.51 9.96 -18.91
CA TRP A 49 -7.04 11.07 -18.14
C TRP A 49 -7.47 12.13 -19.14
N LEU A 50 -6.75 13.25 -19.24
CA LEU A 50 -7.01 14.20 -20.34
C LEU A 50 -6.74 13.56 -21.71
N ALA A 51 -5.81 12.61 -21.74
CA ALA A 51 -5.57 11.81 -22.95
C ALA A 51 -6.36 10.52 -22.85
N LYS A 52 -7.29 10.29 -23.78
CA LYS A 52 -8.04 9.05 -23.70
C LYS A 52 -7.24 7.83 -24.17
N SER A 53 -6.30 8.03 -25.09
CA SER A 53 -5.46 6.94 -25.55
C SER A 53 -4.19 7.47 -26.14
N TRP A 54 -3.29 6.54 -26.45
CA TRP A 54 -2.01 6.89 -27.01
C TRP A 54 -1.32 5.70 -27.66
N THR A 55 -0.42 6.02 -28.59
CA THR A 55 0.41 5.04 -29.30
C THR A 55 1.84 5.60 -29.40
N HIS A 56 2.80 4.73 -29.66
CA HIS A 56 4.18 5.15 -29.85
C HIS A 56 4.83 4.39 -31.02
N SER A 57 5.83 5.02 -31.61
CA SER A 57 6.54 4.50 -32.76
C SER A 57 7.38 3.25 -32.43
N GLU A 58 7.82 2.57 -33.48
CA GLU A 58 8.66 1.38 -33.37
C GLU A 58 9.84 1.69 -32.45
N ASP A 59 10.54 2.80 -32.71
CA ASP A 59 11.73 3.15 -31.94
C ASP A 59 11.45 3.74 -30.55
N GLY A 60 10.17 3.99 -30.24
CA GLY A 60 9.76 4.52 -28.93
C GLY A 60 10.13 5.96 -28.66
N LYS A 61 10.41 6.73 -29.71
CA LYS A 61 10.74 8.16 -29.56
C LYS A 61 9.57 9.12 -29.92
N THR A 62 8.59 8.64 -30.69
CA THR A 62 7.45 9.47 -31.07
C THR A 62 6.20 8.91 -30.46
N TRP A 63 5.50 9.74 -29.71
CA TRP A 63 4.27 9.34 -29.02
C TRP A 63 3.13 10.24 -29.46
N THR A 64 2.01 9.63 -29.82
CA THR A 64 0.84 10.36 -30.22
C THR A 64 -0.30 10.07 -29.25
N PHE A 65 -0.87 11.13 -28.70
CA PHE A 65 -1.93 11.03 -27.72
C PHE A 65 -3.21 11.51 -28.36
N THR A 66 -4.28 10.73 -28.20
CA THR A 66 -5.62 11.15 -28.62
C THR A 66 -6.25 11.71 -27.35
N LEU A 67 -6.63 12.99 -27.39
CA LEU A 67 -7.23 13.69 -26.24
C LEU A 67 -8.76 13.59 -26.20
N ARG A 68 -9.32 13.56 -24.99
CA ARG A 68 -10.76 13.80 -24.79
C ARG A 68 -11.17 15.06 -25.52
N ASP A 69 -12.43 15.12 -25.96
CA ASP A 69 -12.90 16.31 -26.66
C ASP A 69 -13.97 17.07 -25.92
N ASP A 70 -14.16 16.79 -24.65
CA ASP A 70 -15.28 17.38 -23.90
C ASP A 70 -14.79 18.20 -22.69
N VAL A 71 -13.50 18.47 -22.65
CA VAL A 71 -12.93 19.09 -21.46
C VAL A 71 -12.86 20.60 -21.60
N LYS A 72 -13.35 21.33 -20.61
CA LYS A 72 -13.13 22.77 -20.54
C LYS A 72 -12.28 23.15 -19.31
N PHE A 73 -11.47 24.18 -19.48
CA PHE A 73 -10.85 24.91 -18.38
C PHE A 73 -11.99 25.53 -17.58
N SER A 74 -11.71 25.86 -16.33
CA SER A 74 -12.76 26.29 -15.43
C SER A 74 -13.30 27.66 -15.89
N ASN A 75 -12.62 28.31 -16.82
CA ASN A 75 -13.03 29.64 -17.30
C ASN A 75 -13.83 29.50 -18.62
N GLY A 76 -14.18 28.26 -18.94
CA GLY A 76 -14.99 28.02 -20.10
C GLY A 76 -14.24 27.79 -21.41
N GLU A 77 -12.94 28.07 -21.46
CA GLU A 77 -12.17 27.83 -22.67
C GLU A 77 -11.91 26.34 -22.91
N PRO A 78 -11.80 25.92 -24.18
CA PRO A 78 -11.58 24.49 -24.46
C PRO A 78 -10.16 24.00 -24.09
N PHE A 79 -10.08 22.80 -23.52
CA PHE A 79 -8.84 22.03 -23.53
C PHE A 79 -8.83 21.25 -24.82
N ASP A 80 -7.75 21.40 -25.58
CA ASP A 80 -7.53 20.65 -26.81
C ASP A 80 -6.04 20.49 -27.02
N ALA A 81 -5.65 19.92 -28.14
CA ALA A 81 -4.26 19.63 -28.37
C ALA A 81 -3.39 20.89 -28.45
N GLU A 82 -3.96 21.99 -28.96
CA GLU A 82 -3.16 23.23 -29.07
C GLU A 82 -2.90 23.78 -27.69
N ALA A 83 -3.92 23.78 -26.84
CA ALA A 83 -3.72 24.25 -25.51
C ALA A 83 -2.67 23.36 -24.81
N ALA A 84 -2.66 22.05 -25.10
CA ALA A 84 -1.71 21.16 -24.44
C ALA A 84 -0.30 21.44 -24.99
N ALA A 85 -0.18 21.49 -26.32
CA ALA A 85 1.08 21.87 -26.97
C ALA A 85 1.66 23.20 -26.45
N GLU A 86 0.81 24.22 -26.29
CA GLU A 86 1.28 25.52 -25.80
C GLU A 86 1.89 25.37 -24.40
N ASN A 87 1.23 24.57 -23.57
CA ASN A 87 1.71 24.30 -22.22
C ASN A 87 3.09 23.65 -22.20
N PHE A 88 3.28 22.65 -23.02
CA PHE A 88 4.58 21.99 -23.15
C PHE A 88 5.65 22.98 -23.58
N ARG A 89 5.31 23.83 -24.56
CA ARG A 89 6.24 24.90 -24.99
C ARG A 89 6.61 25.80 -23.81
N ALA A 90 5.60 26.22 -23.06
CA ALA A 90 5.79 27.08 -21.89
C ALA A 90 6.75 26.48 -20.85
N VAL A 91 6.61 25.19 -20.59
CA VAL A 91 7.46 24.54 -19.59
C VAL A 91 8.89 24.46 -20.14
N LEU A 92 9.01 23.98 -21.39
CA LEU A 92 10.32 23.74 -21.97
C LEU A 92 11.03 25.04 -22.35
N ASP A 93 10.30 26.16 -22.38
CA ASP A 93 10.99 27.45 -22.48
C ASP A 93 11.82 27.72 -21.21
N ASN A 94 11.57 26.95 -20.15
CA ASN A 94 12.29 27.09 -18.88
C ASN A 94 13.08 25.84 -18.58
N ARG A 95 13.57 25.21 -19.63
CA ARG A 95 14.06 23.85 -19.58
C ARG A 95 15.07 23.56 -18.47
N GLN A 96 15.94 24.52 -18.20
CA GLN A 96 17.04 24.32 -17.27
C GLN A 96 16.51 24.26 -15.85
N ARG A 97 15.44 24.98 -15.57
CA ARG A 97 14.80 24.84 -14.27
C ARG A 97 14.26 23.44 -14.00
N HIS A 98 14.10 22.61 -15.03
CA HIS A 98 13.48 21.30 -14.86
C HIS A 98 14.47 20.15 -15.00
N ALA A 99 15.76 20.45 -14.96
CA ALA A 99 16.81 19.44 -15.14
C ALA A 99 16.73 18.27 -14.15
N TRP A 100 16.31 18.56 -12.92
CA TRP A 100 16.11 17.46 -11.93
C TRP A 100 15.26 16.36 -12.54
N LEU A 101 14.37 16.71 -13.46
CA LEU A 101 13.44 15.75 -14.07
C LEU A 101 13.84 15.52 -15.50
N GLU A 102 14.21 14.27 -15.81
CA GLU A 102 14.89 13.94 -17.04
C GLU A 102 13.97 14.02 -18.24
N LEU A 103 12.65 13.89 -18.05
CA LEU A 103 11.74 14.07 -19.20
C LEU A 103 11.95 15.46 -19.80
N ALA A 104 12.24 16.46 -18.97
CA ALA A 104 12.42 17.81 -19.47
C ALA A 104 13.63 17.93 -20.40
N ASN A 105 14.60 17.04 -20.24
CA ASN A 105 15.77 17.02 -21.13
C ASN A 105 15.54 16.14 -22.35
N GLN A 106 14.49 15.35 -22.32
CA GLN A 106 14.20 14.39 -23.38
C GLN A 106 13.25 14.89 -24.49
N ILE A 107 12.37 15.82 -24.16
CA ILE A 107 11.37 16.25 -25.12
C ILE A 107 11.99 17.19 -26.15
N VAL A 108 11.91 16.77 -27.40
CA VAL A 108 12.55 17.43 -28.54
C VAL A 108 11.55 18.29 -29.33
N ASP A 109 10.29 17.86 -29.36
CA ASP A 109 9.24 18.60 -30.04
C ASP A 109 7.82 18.21 -29.53
N VAL A 110 6.94 19.21 -29.44
CA VAL A 110 5.54 18.94 -29.12
C VAL A 110 4.63 19.67 -30.07
N LYS A 111 3.76 18.93 -30.73
CA LYS A 111 2.90 19.60 -31.66
C LYS A 111 1.52 18.99 -31.74
N ALA A 112 0.56 19.88 -31.95
CA ALA A 112 -0.83 19.55 -32.10
C ALA A 112 -1.08 19.19 -33.56
N LEU A 113 -1.32 17.91 -33.80
CA LEU A 113 -1.65 17.45 -35.14
C LEU A 113 -3.12 17.75 -35.53
N SER A 114 -4.03 17.78 -34.56
CA SER A 114 -5.41 18.29 -34.75
C SER A 114 -5.95 18.80 -33.40
N LYS A 115 -7.26 19.06 -33.28
CA LYS A 115 -7.83 19.43 -31.98
C LYS A 115 -7.62 18.31 -30.93
N THR A 116 -7.52 17.07 -31.41
CA THR A 116 -7.45 15.95 -30.50
C THR A 116 -6.18 15.09 -30.66
N GLU A 117 -5.32 15.41 -31.61
CA GLU A 117 -4.09 14.62 -31.71
C GLU A 117 -2.87 15.44 -31.23
N LEU A 118 -2.19 14.93 -30.23
CA LEU A 118 -1.00 15.60 -29.73
C LEU A 118 0.22 14.70 -29.89
N GLN A 119 1.25 15.20 -30.56
CA GLN A 119 2.42 14.41 -30.82
C GLN A 119 3.62 14.93 -30.02
N ILE A 120 4.33 14.02 -29.37
CA ILE A 120 5.49 14.34 -28.57
C ILE A 120 6.66 13.49 -29.02
N THR A 121 7.73 14.17 -29.44
CA THR A 121 8.97 13.51 -29.86
C THR A 121 10.07 13.60 -28.82
N LEU A 122 10.76 12.49 -28.60
CA LEU A 122 11.84 12.43 -27.63
C LEU A 122 13.21 12.20 -28.24
N LYS A 123 14.22 12.65 -27.50
CA LYS A 123 15.62 12.41 -27.78
C LYS A 123 15.92 10.93 -27.86
N SER A 124 15.44 10.16 -26.88
CA SER A 124 15.76 8.74 -26.80
C SER A 124 14.50 8.03 -26.32
N ALA A 125 14.52 6.69 -26.29
CA ALA A 125 13.36 5.92 -25.81
C ALA A 125 13.33 5.90 -24.28
N TYR A 126 12.82 7.00 -23.74
CA TYR A 126 12.79 7.22 -22.33
C TYR A 126 11.63 6.48 -21.66
N TYR A 127 11.94 5.41 -20.94
CA TYR A 127 10.90 4.46 -20.53
C TYR A 127 9.95 5.05 -19.47
N PRO A 128 10.42 5.95 -18.58
CA PRO A 128 9.43 6.40 -17.58
C PRO A 128 8.62 7.61 -18.07
N PHE A 129 8.45 7.71 -19.38
CA PHE A 129 7.72 8.81 -20.03
C PHE A 129 6.33 9.07 -19.42
N LEU A 130 5.50 8.05 -19.34
CA LEU A 130 4.11 8.23 -18.91
C LEU A 130 4.03 8.60 -17.44
N GLN A 131 4.81 7.89 -16.64
CA GLN A 131 4.90 8.17 -15.21
C GLN A 131 5.26 9.64 -14.92
N GLU A 132 6.24 10.18 -15.66
CA GLU A 132 6.65 11.57 -15.46
C GLU A 132 5.59 12.56 -15.96
N LEU A 133 4.86 12.19 -16.99
CA LEU A 133 3.71 13.00 -17.39
C LEU A 133 2.61 13.07 -16.29
N ALA A 134 2.62 12.08 -15.39
CA ALA A 134 1.56 11.97 -14.37
C ALA A 134 1.84 12.82 -13.14
N LEU A 135 3.05 13.36 -13.04
CA LEU A 135 3.46 14.10 -11.83
C LEU A 135 2.65 15.38 -11.59
N PRO A 136 2.53 15.83 -10.32
CA PRO A 136 1.84 17.08 -10.01
C PRO A 136 2.39 18.26 -10.84
N ARG A 137 3.70 18.24 -11.11
CA ARG A 137 4.37 19.31 -11.85
C ARG A 137 5.63 18.77 -12.55
N PRO A 138 6.06 19.41 -13.65
CA PRO A 138 5.48 20.57 -14.32
C PRO A 138 4.56 20.26 -15.48
N PHE A 139 4.31 19.01 -15.83
CA PHE A 139 3.53 18.83 -17.08
C PHE A 139 1.99 18.80 -16.95
N ARG A 140 1.44 19.87 -16.43
CA ARG A 140 -0.01 19.96 -16.28
C ARG A 140 -0.47 21.26 -16.87
N PHE A 141 -1.78 21.45 -17.06
CA PHE A 141 -2.21 22.42 -18.10
C PHE A 141 -2.99 23.59 -17.58
N ILE A 142 -2.47 24.78 -17.80
CA ILE A 142 -3.22 25.99 -17.46
C ILE A 142 -3.79 26.53 -18.78
N ALA A 143 -4.94 27.20 -18.74
CA ALA A 143 -5.51 27.83 -19.93
C ALA A 143 -4.48 28.77 -20.57
N PRO A 144 -4.13 28.56 -21.85
CA PRO A 144 -3.12 29.42 -22.45
C PRO A 144 -3.44 30.93 -22.43
N SER A 145 -4.72 31.31 -22.28
CA SER A 145 -5.07 32.73 -22.15
C SER A 145 -4.47 33.34 -20.88
N GLN A 146 -4.01 32.49 -19.96
CA GLN A 146 -3.49 33.00 -18.68
C GLN A 146 -1.95 33.10 -18.65
N PHE A 147 -1.31 32.72 -19.75
CA PHE A 147 0.12 32.97 -19.92
C PHE A 147 0.39 34.48 -19.82
N LYS A 148 1.61 34.83 -19.49
CA LYS A 148 2.01 36.26 -19.56
C LYS A 148 2.96 36.42 -20.73
N ASN A 149 2.61 37.28 -21.71
CA ASN A 149 3.33 37.33 -22.99
C ASN A 149 3.68 35.92 -23.54
N HIS A 150 2.69 35.02 -23.51
CA HIS A 150 2.80 33.67 -24.10
C HIS A 150 3.81 32.73 -23.43
N GLU A 151 4.20 33.07 -22.19
CA GLU A 151 5.04 32.23 -21.32
C GLU A 151 4.35 31.99 -19.97
N THR A 152 4.86 31.02 -19.21
CA THR A 152 4.46 30.88 -17.80
C THR A 152 5.68 31.05 -16.83
N MET A 153 6.91 31.01 -17.35
CA MET A 153 8.10 31.01 -16.49
C MET A 153 8.32 32.37 -15.82
N ASN A 154 7.62 33.40 -16.31
CA ASN A 154 7.68 34.74 -15.72
C ASN A 154 6.39 35.04 -14.99
N GLY A 155 5.61 33.99 -14.69
CA GLY A 155 4.37 34.22 -13.98
C GLY A 155 3.14 33.97 -14.83
N ILE A 156 2.00 33.76 -14.18
CA ILE A 156 0.73 33.55 -14.89
C ILE A 156 -0.26 34.65 -14.43
N LYS A 157 -1.43 34.72 -15.07
CA LYS A 157 -2.50 35.62 -14.65
C LYS A 157 -3.41 34.86 -13.67
N ALA A 158 -4.54 34.31 -14.11
CA ALA A 158 -5.35 33.51 -13.18
C ALA A 158 -4.95 32.05 -13.29
N PRO A 159 -4.94 31.33 -12.16
CA PRO A 159 -4.58 29.93 -12.10
C PRO A 159 -5.74 29.06 -12.59
N ILE A 160 -6.00 29.11 -13.90
CA ILE A 160 -7.12 28.41 -14.47
C ILE A 160 -6.72 27.04 -15.00
N GLY A 161 -7.15 26.00 -14.31
CA GLY A 161 -6.94 24.63 -14.76
C GLY A 161 -8.21 23.90 -15.19
N THR A 162 -8.11 22.60 -15.44
CA THR A 162 -9.26 21.79 -15.80
C THR A 162 -9.81 20.98 -14.62
N GLY A 163 -9.18 21.09 -13.46
CA GLY A 163 -9.42 20.16 -12.37
C GLY A 163 -10.68 20.41 -11.57
N PRO A 164 -10.98 19.48 -10.63
CA PRO A 164 -12.19 19.45 -9.85
C PRO A 164 -12.27 20.55 -8.78
N TRP A 165 -11.17 21.28 -8.53
CA TRP A 165 -11.15 22.39 -7.59
C TRP A 165 -10.70 23.68 -8.26
N ILE A 166 -11.28 24.76 -7.77
CA ILE A 166 -10.97 26.08 -8.28
C ILE A 166 -10.57 26.93 -7.11
N LEU A 167 -9.47 27.66 -7.24
CA LEU A 167 -9.07 28.59 -6.20
C LEU A 167 -10.09 29.73 -6.14
N GLN A 168 -10.64 29.97 -4.96
CA GLN A 168 -11.58 31.08 -4.79
C GLN A 168 -10.87 32.36 -4.41
N GLU A 169 -9.96 32.27 -3.44
CA GLU A 169 -9.31 33.45 -2.90
C GLU A 169 -8.19 33.00 -2.00
N SER A 170 -7.21 33.88 -1.83
CA SER A 170 -6.07 33.58 -1.03
C SER A 170 -5.58 34.81 -0.29
N LYS A 171 -5.40 34.69 1.03
CA LYS A 171 -4.84 35.78 1.85
C LYS A 171 -3.47 35.38 2.36
N LEU A 172 -2.44 36.08 1.87
CA LEU A 172 -1.06 35.85 2.31
C LEU A 172 -1.05 35.83 3.83
N ASN A 173 -0.42 34.79 4.37
CA ASN A 173 -0.33 34.63 5.81
C ASN A 173 -1.57 34.14 6.56
N GLN A 174 -2.72 34.02 5.88
CA GLN A 174 -4.01 33.78 6.56
C GLN A 174 -4.81 32.50 6.18
N TYR A 175 -5.22 32.37 4.91
CA TYR A 175 -6.06 31.22 4.47
C TYR A 175 -6.53 31.19 3.02
N ASP A 176 -6.37 30.02 2.40
CA ASP A 176 -6.72 29.77 1.00
C ASP A 176 -8.02 28.99 0.89
N VAL A 177 -8.89 29.42 -0.01
CA VAL A 177 -10.17 28.77 -0.15
C VAL A 177 -10.29 28.24 -1.56
N PHE A 178 -10.67 26.98 -1.65
CA PHE A 178 -10.95 26.33 -2.87
C PHE A 178 -12.41 25.97 -2.89
N VAL A 179 -12.95 25.88 -4.09
CA VAL A 179 -14.35 25.57 -4.30
C VAL A 179 -14.44 24.50 -5.40
N ARG A 180 -15.44 23.61 -5.31
CA ARG A 180 -15.70 22.61 -6.34
C ARG A 180 -15.91 23.26 -7.70
N ASN A 181 -15.32 22.67 -8.74
CA ASN A 181 -15.55 23.08 -10.13
C ASN A 181 -16.88 22.47 -10.57
N GLU A 182 -17.90 23.30 -10.79
CA GLU A 182 -19.23 22.75 -11.14
C GLU A 182 -19.34 22.38 -12.61
N ASN A 183 -18.33 22.77 -13.41
CA ASN A 183 -18.31 22.41 -14.83
C ASN A 183 -17.12 21.45 -15.09
N TYR A 184 -16.83 20.61 -14.11
CA TYR A 184 -15.80 19.58 -14.20
C TYR A 184 -16.17 18.45 -15.20
N TRP A 185 -15.22 18.05 -16.05
CA TRP A 185 -15.47 16.96 -17.02
C TRP A 185 -15.70 15.59 -16.37
N GLY A 186 -15.05 15.34 -15.22
CA GLY A 186 -15.10 14.04 -14.55
C GLY A 186 -16.15 14.03 -13.44
N GLU A 187 -15.91 13.23 -12.39
CA GLU A 187 -16.91 13.05 -11.32
C GLU A 187 -16.91 14.26 -10.38
N LYS A 188 -18.11 14.66 -9.95
CA LYS A 188 -18.27 15.76 -8.98
C LYS A 188 -17.81 15.31 -7.60
N PRO A 189 -16.94 16.11 -6.97
CA PRO A 189 -16.62 15.81 -5.59
C PRO A 189 -17.83 16.09 -4.70
N ALA A 190 -17.91 15.37 -3.58
CA ALA A 190 -18.98 15.56 -2.60
C ALA A 190 -18.73 16.83 -1.82
N ILE A 191 -17.46 17.14 -1.54
CA ILE A 191 -17.14 18.38 -0.84
C ILE A 191 -17.29 19.55 -1.78
N LYS A 192 -17.82 20.68 -1.28
CA LYS A 192 -18.02 21.91 -2.08
C LYS A 192 -16.99 23.01 -1.84
N LYS A 193 -16.39 23.02 -0.65
CA LYS A 193 -15.51 24.11 -0.26
C LYS A 193 -14.44 23.57 0.69
N ILE A 194 -13.18 23.92 0.42
CA ILE A 194 -12.11 23.58 1.36
C ILE A 194 -11.37 24.83 1.71
N THR A 195 -11.25 25.11 3.00
CA THR A 195 -10.49 26.25 3.48
C THR A 195 -9.22 25.72 4.12
N PHE A 196 -8.06 26.19 3.67
CA PHE A 196 -6.81 25.88 4.36
C PHE A 196 -6.45 27.06 5.25
N ASN A 197 -6.45 26.87 6.57
CA ASN A 197 -5.92 27.94 7.43
C ASN A 197 -4.42 27.85 7.44
N VAL A 198 -3.76 29.00 7.42
CA VAL A 198 -2.31 28.99 7.43
C VAL A 198 -1.85 28.89 8.91
N ILE A 199 -1.20 27.79 9.26
CA ILE A 199 -0.79 27.52 10.66
C ILE A 199 0.57 26.89 10.61
N PRO A 200 1.62 27.71 10.75
CA PRO A 200 2.98 27.26 10.54
C PRO A 200 3.52 26.24 11.55
N ASP A 201 3.02 26.29 12.79
CA ASP A 201 3.67 25.51 13.86
C ASP A 201 2.92 24.18 14.15
N PRO A 202 3.65 23.06 14.34
CA PRO A 202 2.95 21.76 14.49
C PRO A 202 2.04 21.68 15.73
N THR A 203 2.51 22.12 16.89
CA THR A 203 1.65 22.09 18.09
C THR A 203 0.43 23.04 17.93
N THR A 204 0.64 24.15 17.23
CA THR A 204 -0.47 25.07 16.95
C THR A 204 -1.53 24.41 16.05
N ARG A 205 -1.10 23.60 15.09
CA ARG A 205 -2.07 22.82 14.31
C ARG A 205 -2.90 21.85 15.18
N ALA A 206 -2.22 21.15 16.09
CA ALA A 206 -2.89 20.23 17.06
C ALA A 206 -3.91 20.97 17.89
N VAL A 207 -3.49 22.09 18.47
CA VAL A 207 -4.40 22.92 19.27
C VAL A 207 -5.59 23.34 18.43
N ALA A 208 -5.36 23.80 17.20
CA ALA A 208 -6.50 24.16 16.34
C ALA A 208 -7.50 23.01 16.12
N PHE A 209 -6.99 21.80 15.97
CA PHE A 209 -7.87 20.66 15.84
C PHE A 209 -8.57 20.39 17.17
N GLU A 210 -7.85 20.49 18.27
CA GLU A 210 -8.45 20.25 19.60
C GLU A 210 -9.58 21.22 19.90
N THR A 211 -9.48 22.44 19.39
CA THR A 211 -10.52 23.46 19.66
C THR A 211 -11.71 23.30 18.73
N GLY A 212 -11.53 22.58 17.63
CA GLY A 212 -12.57 22.42 16.63
C GLY A 212 -12.50 23.47 15.55
N ASP A 213 -11.40 24.21 15.53
CA ASP A 213 -11.13 25.24 14.51
C ASP A 213 -10.89 24.66 13.10
N ILE A 214 -10.37 23.43 13.04
CA ILE A 214 -10.17 22.72 11.78
C ILE A 214 -10.74 21.30 11.85
N ASP A 215 -11.07 20.71 10.70
CA ASP A 215 -11.76 19.40 10.60
C ASP A 215 -10.84 18.23 10.20
N LEU A 216 -9.66 18.56 9.68
CA LEU A 216 -8.83 17.56 8.97
C LEU A 216 -7.40 18.00 8.95
N LEU A 217 -6.48 17.06 9.24
CA LEU A 217 -5.07 17.30 9.03
C LEU A 217 -4.57 16.06 8.31
N TYR A 218 -3.82 16.28 7.24
CA TYR A 218 -3.33 15.21 6.39
C TYR A 218 -1.93 15.62 5.99
N GLY A 219 -0.96 14.77 6.26
CA GLY A 219 0.44 15.11 5.90
C GLY A 219 1.39 14.01 6.37
N ASN A 220 2.67 14.24 6.23
CA ASN A 220 3.69 13.28 6.57
C ASN A 220 3.99 13.39 8.08
N GLU A 221 5.18 12.97 8.51
CA GLU A 221 5.44 12.76 9.95
C GLU A 221 5.65 14.04 10.74
N GLY A 222 5.83 15.17 10.04
CA GLY A 222 5.88 16.49 10.69
C GLY A 222 4.54 17.22 10.87
N LEU A 223 3.44 16.55 10.53
CA LEU A 223 2.11 17.20 10.51
C LEU A 223 1.68 17.82 11.86
N LEU A 224 1.94 17.06 12.91
CA LEU A 224 1.65 17.50 14.26
C LEU A 224 2.61 16.73 15.12
N PRO A 225 2.81 17.15 16.39
CA PRO A 225 3.74 16.40 17.22
C PRO A 225 3.31 14.93 17.33
N LEU A 226 4.29 14.06 17.33
CA LEU A 226 4.03 12.64 17.26
C LEU A 226 3.46 12.09 18.55
N ASP A 227 3.82 12.68 19.69
CA ASP A 227 3.19 12.31 20.97
C ASP A 227 1.68 12.63 20.98
N THR A 228 1.34 13.78 20.41
CA THR A 228 -0.05 14.21 20.30
C THR A 228 -0.83 13.30 19.37
N PHE A 229 -0.22 12.98 18.23
CA PHE A 229 -0.81 11.99 17.31
C PHE A 229 -1.17 10.66 17.99
N ALA A 230 -0.25 10.09 18.76
CA ALA A 230 -0.53 8.83 19.47
C ALA A 230 -1.68 8.94 20.46
N ARG A 231 -1.73 10.04 21.20
N ARG A 231 -1.71 10.04 21.19
CA ARG A 231 -2.83 10.28 22.13
CA ARG A 231 -2.81 10.35 22.11
C ARG A 231 -4.16 10.46 21.37
C ARG A 231 -4.13 10.44 21.36
N PHE A 232 -4.12 11.18 20.24
CA PHE A 232 -5.32 11.37 19.38
C PHE A 232 -5.88 10.03 18.89
N SER A 233 -4.99 9.12 18.56
CA SER A 233 -5.37 7.82 18.00
C SER A 233 -6.11 6.96 19.03
N GLN A 234 -5.96 7.29 20.32
CA GLN A 234 -6.71 6.61 21.36
C GLN A 234 -7.94 7.37 21.79
N ASN A 235 -8.08 8.60 21.31
CA ASN A 235 -9.15 9.49 21.77
C ASN A 235 -10.41 9.19 21.01
N PRO A 236 -11.45 8.73 21.72
CA PRO A 236 -12.61 8.29 20.93
C PRO A 236 -13.39 9.46 20.35
N ALA A 237 -13.04 10.73 20.66
CA ALA A 237 -13.75 11.85 19.99
C ALA A 237 -13.18 12.09 18.60
N TYR A 238 -11.99 11.53 18.33
CA TYR A 238 -11.30 11.82 17.08
C TYR A 238 -11.23 10.61 16.19
N HIS A 239 -10.84 10.87 14.93
CA HIS A 239 -10.43 9.84 13.97
C HIS A 239 -8.97 10.08 13.60
N THR A 240 -8.14 9.03 13.64
CA THR A 240 -6.81 9.13 13.07
C THR A 240 -6.56 7.97 12.15
N GLN A 241 -5.58 8.14 11.26
CA GLN A 241 -5.11 7.07 10.37
C GLN A 241 -3.61 7.15 10.19
N LEU A 242 -2.99 6.04 9.83
CA LEU A 242 -1.57 6.05 9.52
C LEU A 242 -1.39 5.12 8.36
N SER A 243 -0.86 5.62 7.26
CA SER A 243 -0.84 4.86 6.02
C SER A 243 0.26 3.82 6.04
N GLN A 244 0.32 2.98 5.02
CA GLN A 244 1.50 2.14 4.86
CA GLN A 244 1.51 2.14 4.85
C GLN A 244 2.65 3.09 4.43
N PRO A 245 3.93 2.66 4.62
CA PRO A 245 5.01 3.60 4.40
C PRO A 245 5.05 4.09 2.95
N ILE A 246 5.42 5.34 2.73
CA ILE A 246 5.45 5.95 1.39
C ILE A 246 6.85 6.37 0.92
N GLU A 247 7.79 6.57 1.84
CA GLU A 247 9.14 6.97 1.42
C GLU A 247 10.14 6.70 2.52
N THR A 248 11.42 6.80 2.19
CA THR A 248 12.50 6.65 3.20
C THR A 248 12.95 8.00 3.77
N VAL A 249 13.16 8.07 5.09
CA VAL A 249 13.98 9.10 5.70
C VAL A 249 15.39 8.51 6.01
N MET A 250 16.45 9.28 5.74
CA MET A 250 17.82 8.80 5.94
C MET A 250 18.79 9.95 6.20
N LEU A 251 20.02 9.60 6.52
CA LEU A 251 21.10 10.58 6.53
C LEU A 251 21.82 10.40 5.22
N ALA A 252 22.29 11.49 4.66
CA ALA A 252 23.15 11.36 3.52
C ALA A 252 24.51 11.73 4.05
N LEU A 253 25.53 10.95 3.72
CA LEU A 253 26.91 11.18 4.20
C LEU A 253 27.76 11.75 3.07
N ASN A 254 28.51 12.81 3.37
CA ASN A 254 29.30 13.47 2.34
C ASN A 254 30.60 12.72 2.00
N THR A 255 30.57 11.94 0.92
CA THR A 255 31.72 11.15 0.53
C THR A 255 32.93 11.99 0.02
N ALA A 256 32.78 13.31 -0.07
CA ALA A 256 33.90 14.16 -0.55
C ALA A 256 34.49 15.00 0.58
N LYS A 257 34.03 14.82 1.83
CA LYS A 257 34.54 15.64 2.91
C LYS A 257 35.05 14.75 4.05
N ALA A 258 36.23 15.05 4.60
CA ALA A 258 36.71 14.35 5.81
C ALA A 258 35.74 14.50 6.97
N PRO A 259 35.55 13.44 7.76
CA PRO A 259 36.06 12.09 7.68
C PRO A 259 35.08 11.13 6.99
N THR A 260 33.93 11.63 6.52
CA THR A 260 32.93 10.78 5.83
C THR A 260 33.35 10.45 4.43
N ASN A 261 34.52 10.97 4.01
CA ASN A 261 35.13 10.54 2.75
C ASN A 261 35.70 9.10 2.83
N GLU A 262 35.81 8.57 4.05
CA GLU A 262 36.33 7.23 4.23
C GLU A 262 35.22 6.19 4.35
N LEU A 263 35.31 5.17 3.50
CA LEU A 263 34.36 4.08 3.47
C LEU A 263 34.21 3.42 4.87
N ALA A 264 35.33 3.15 5.54
CA ALA A 264 35.29 2.57 6.90
C ALA A 264 34.49 3.43 7.86
N VAL A 265 34.58 4.76 7.74
CA VAL A 265 33.86 5.63 8.67
C VAL A 265 32.36 5.52 8.32
N ARG A 266 32.04 5.56 7.03
CA ARG A 266 30.64 5.44 6.62
C ARG A 266 30.03 4.09 7.01
N GLU A 267 30.77 3.00 6.86
CA GLU A 267 30.23 1.70 7.24
C GLU A 267 30.02 1.69 8.74
N ALA A 268 30.94 2.27 9.52
CA ALA A 268 30.85 2.24 10.98
C ALA A 268 29.60 2.97 11.44
N LEU A 269 29.32 4.11 10.81
CA LEU A 269 28.16 4.91 11.25
C LEU A 269 26.86 4.17 10.97
N ASN A 270 26.87 3.37 9.90
CA ASN A 270 25.74 2.53 9.58
C ASN A 270 25.47 1.35 10.55
N TYR A 271 26.44 1.02 11.39
CA TYR A 271 26.27 0.02 12.46
C TYR A 271 26.00 0.63 13.83
N ALA A 272 26.08 1.95 13.93
CA ALA A 272 26.03 2.69 15.19
C ALA A 272 24.63 3.01 15.72
N VAL A 273 23.63 2.97 14.85
CA VAL A 273 22.33 3.54 15.25
C VAL A 273 21.29 2.45 15.46
N ASN A 274 20.77 2.35 16.68
CA ASN A 274 19.62 1.48 16.92
C ASN A 274 18.39 2.24 16.40
N LYS A 275 17.95 1.88 15.21
CA LYS A 275 16.88 2.63 14.53
C LYS A 275 15.51 2.41 15.18
N LYS A 276 15.29 1.22 15.73
CA LYS A 276 14.05 0.97 16.46
C LYS A 276 13.96 1.82 17.72
N SER A 277 15.06 1.91 18.47
CA SER A 277 15.16 2.85 19.57
C SER A 277 14.97 4.29 19.19
N LEU A 278 15.59 4.75 18.10
CA LEU A 278 15.35 6.11 17.62
C LEU A 278 13.87 6.38 17.31
N ILE A 279 13.22 5.43 16.63
CA ILE A 279 11.82 5.55 16.30
C ILE A 279 10.92 5.52 17.55
N ASP A 280 11.21 4.64 18.50
CA ASP A 280 10.40 4.56 19.72
C ASP A 280 10.63 5.76 20.66
N ASN A 281 11.81 6.35 20.57
CA ASN A 281 12.20 7.53 21.34
C ASN A 281 11.66 8.85 20.73
N ALA A 282 11.92 9.08 19.45
CA ALA A 282 11.61 10.37 18.86
C ALA A 282 10.28 10.36 18.10
N LEU A 283 9.85 9.21 17.66
CA LEU A 283 8.80 9.17 16.65
C LEU A 283 7.62 8.39 17.22
N TYR A 284 7.70 8.10 18.51
CA TYR A 284 6.63 7.47 19.27
C TYR A 284 6.18 6.17 18.66
N GLY A 285 7.13 5.42 18.10
CA GLY A 285 6.84 4.14 17.49
C GLY A 285 5.97 4.18 16.28
N THR A 286 5.78 5.33 15.64
CA THR A 286 4.81 5.42 14.52
C THR A 286 5.41 5.17 13.16
N GLN A 287 6.72 4.91 13.09
CA GLN A 287 7.32 4.67 11.76
C GLN A 287 8.05 3.33 11.74
N GLN A 288 8.48 2.88 10.56
CA GLN A 288 9.14 1.54 10.43
C GLN A 288 10.64 1.71 10.18
N VAL A 289 11.46 0.76 10.67
CA VAL A 289 12.91 0.80 10.55
C VAL A 289 13.24 0.60 9.07
N ALA A 290 14.19 1.39 8.53
CA ALA A 290 14.72 1.21 7.18
C ALA A 290 16.15 0.69 7.18
N ASP A 291 16.44 -0.38 6.46
CA ASP A 291 17.84 -0.78 6.37
C ASP A 291 18.46 -0.51 4.99
N THR A 292 17.63 -0.02 4.10
CA THR A 292 18.01 0.18 2.72
CA THR A 292 17.96 0.13 2.71
C THR A 292 17.47 1.51 2.19
N LEU A 293 18.23 2.14 1.31
CA LEU A 293 17.76 3.40 0.68
C LEU A 293 16.30 3.30 0.14
N PHE A 294 15.98 2.23 -0.59
CA PHE A 294 14.59 1.97 -0.95
C PHE A 294 14.07 0.72 -0.27
N ALA A 295 12.83 0.80 0.22
CA ALA A 295 12.20 -0.35 0.86
C ALA A 295 12.08 -1.52 -0.16
N PRO A 296 12.01 -2.79 0.33
CA PRO A 296 12.00 -3.92 -0.62
C PRO A 296 10.73 -3.96 -1.45
N SER A 297 9.72 -3.20 -1.04
CA SER A 297 8.46 -3.06 -1.80
C SER A 297 8.59 -2.07 -2.99
N VAL A 298 9.67 -1.29 -3.06
CA VAL A 298 9.85 -0.34 -4.15
C VAL A 298 10.18 -1.10 -5.47
N PRO A 299 9.53 -0.70 -6.60
CA PRO A 299 9.87 -1.31 -7.90
C PRO A 299 11.39 -1.42 -8.11
N TYR A 300 11.87 -2.58 -8.56
CA TYR A 300 13.29 -2.79 -8.97
C TYR A 300 14.28 -2.89 -7.82
N ALA A 301 13.79 -2.76 -6.60
CA ALA A 301 14.70 -2.66 -5.43
C ALA A 301 14.56 -3.81 -4.44
N ASN A 302 13.91 -4.89 -4.84
CA ASN A 302 13.91 -6.08 -3.99
C ASN A 302 15.14 -6.93 -4.33
N LEU A 303 16.27 -6.59 -3.71
CA LEU A 303 17.58 -7.06 -4.16
C LEU A 303 18.35 -7.94 -3.15
N GLY A 304 17.76 -8.16 -1.99
CA GLY A 304 18.38 -8.99 -0.97
C GLY A 304 19.60 -8.31 -0.43
N LEU A 305 19.61 -6.96 -0.45
CA LEU A 305 20.76 -6.22 0.10
C LEU A 305 20.93 -6.55 1.58
N LYS A 306 22.16 -6.65 2.06
CA LYS A 306 22.40 -7.06 3.45
C LYS A 306 22.28 -5.84 4.37
N PRO A 307 21.37 -5.92 5.36
CA PRO A 307 21.27 -4.82 6.33
C PRO A 307 22.49 -4.71 7.20
N SER A 308 22.82 -3.48 7.61
CA SER A 308 23.77 -3.26 8.67
C SER A 308 22.98 -3.09 9.99
N GLN A 309 22.74 -4.19 10.68
CA GLN A 309 22.10 -4.24 11.99
CA GLN A 309 22.06 -4.19 11.97
C GLN A 309 22.87 -3.41 12.99
N TYR A 310 22.17 -2.84 13.96
CA TYR A 310 22.82 -2.14 15.05
C TYR A 310 23.86 -3.04 15.71
N ASP A 311 25.11 -2.56 15.78
CA ASP A 311 26.20 -3.41 16.26
C ASP A 311 27.40 -2.52 16.64
N PRO A 312 27.40 -1.92 17.85
CA PRO A 312 28.40 -0.93 18.18
C PRO A 312 29.80 -1.48 18.23
N GLN A 313 29.91 -2.77 18.56
CA GLN A 313 31.15 -3.50 18.56
C GLN A 313 31.74 -3.61 17.15
N LYS A 314 30.89 -3.91 16.16
CA LYS A 314 31.38 -3.90 14.81
C LYS A 314 31.73 -2.48 14.32
N ALA A 315 30.96 -1.46 14.73
CA ALA A 315 31.28 -0.05 14.37
C ALA A 315 32.67 0.33 14.92
N LYS A 316 32.93 0.00 16.18
CA LYS A 316 34.23 0.35 16.77
C LYS A 316 35.39 -0.35 16.06
N ALA A 317 35.18 -1.62 15.70
CA ALA A 317 36.22 -2.43 15.08
C ALA A 317 36.59 -1.87 13.69
N LEU A 318 35.55 -1.47 12.95
CA LEU A 318 35.75 -0.85 11.65
C LEU A 318 36.57 0.42 11.79
N LEU A 319 36.26 1.23 12.82
CA LEU A 319 36.98 2.48 13.04
C LEU A 319 38.43 2.19 13.43
N GLU A 320 38.62 1.26 14.38
CA GLU A 320 39.94 0.86 14.82
C GLU A 320 40.80 0.39 13.66
N LYS A 321 40.24 -0.47 12.80
CA LYS A 321 41.00 -1.02 11.68
C LYS A 321 41.42 0.07 10.69
N ALA A 322 40.69 1.18 10.69
CA ALA A 322 41.02 2.29 9.82
C ALA A 322 41.88 3.34 10.50
N GLY A 323 42.30 3.10 11.75
CA GLY A 323 43.26 3.98 12.39
C GLY A 323 42.69 5.06 13.28
N TRP A 324 41.37 5.01 13.50
CA TRP A 324 40.69 5.93 14.40
C TRP A 324 40.62 5.39 15.82
N THR A 325 41.54 5.84 16.66
CA THR A 325 41.67 5.30 18.00
C THR A 325 41.34 6.32 19.05
N LEU A 326 41.05 5.81 20.24
CA LEU A 326 40.73 6.64 21.38
C LEU A 326 42.02 7.05 22.08
N PRO A 327 42.28 8.38 22.16
CA PRO A 327 43.37 8.89 23.01
C PRO A 327 43.02 8.67 24.46
N ALA A 328 44.02 8.56 25.33
CA ALA A 328 43.74 8.58 26.76
C ALA A 328 43.44 10.03 27.14
N GLY A 329 42.47 10.27 28.03
CA GLY A 329 41.33 9.39 28.30
C GLY A 329 40.22 10.26 27.70
N LYS A 330 40.00 10.09 26.40
CA LYS A 330 39.03 10.86 25.67
C LYS A 330 37.98 9.92 25.10
N ASP A 331 36.78 10.42 24.87
CA ASP A 331 35.75 9.59 24.26
C ASP A 331 35.70 9.67 22.73
N ILE A 332 36.43 10.64 22.16
CA ILE A 332 36.31 10.90 20.72
C ILE A 332 37.58 10.50 20.01
N ARG A 333 37.43 9.64 19.00
CA ARG A 333 38.54 9.07 18.24
C ARG A 333 39.41 10.11 17.48
N GLU A 334 40.65 9.75 17.25
CA GLU A 334 41.59 10.59 16.51
C GLU A 334 42.39 9.77 15.52
N LYS A 335 42.77 10.39 14.41
CA LYS A 335 43.65 9.79 13.42
C LYS A 335 44.47 10.92 12.82
N ASN A 336 45.79 10.80 12.97
CA ASN A 336 46.73 11.84 12.53
C ASN A 336 46.46 13.15 13.25
N GLY A 337 46.24 13.10 14.56
CA GLY A 337 45.84 14.27 15.36
C GLY A 337 44.48 14.92 15.02
N GLN A 338 43.79 14.46 13.97
CA GLN A 338 42.43 14.94 13.65
C GLN A 338 41.36 14.15 14.42
N PRO A 339 40.45 14.85 15.14
CA PRO A 339 39.31 14.23 15.85
C PRO A 339 38.30 13.68 14.87
N LEU A 340 37.53 12.67 15.26
CA LEU A 340 36.49 12.08 14.37
C LEU A 340 35.22 12.90 14.58
N ARG A 341 35.14 13.99 13.82
CA ARG A 341 34.07 14.96 13.97
C ARG A 341 33.37 15.14 12.63
N ILE A 342 32.05 15.12 12.69
CA ILE A 342 31.15 15.21 11.54
C ILE A 342 30.05 16.21 11.85
N GLU A 343 29.79 17.12 10.91
CA GLU A 343 28.75 18.11 11.18
C GLU A 343 27.47 17.57 10.63
N LEU A 344 26.42 17.64 11.45
CA LEU A 344 25.06 17.28 11.03
C LEU A 344 24.26 18.58 11.03
N SER A 345 23.91 19.04 9.83
CA SER A 345 23.10 20.24 9.70
C SER A 345 21.64 19.89 9.43
N PHE A 346 20.75 20.68 10.03
CA PHE A 346 19.32 20.54 9.92
C PHE A 346 18.67 21.91 10.16
N ILE A 347 17.36 21.95 9.87
CA ILE A 347 16.52 23.11 10.17
C ILE A 347 16.32 23.24 11.67
N GLY A 348 16.86 24.32 12.22
CA GLY A 348 17.04 24.46 13.64
C GLY A 348 15.77 24.74 14.37
N THR A 349 14.73 25.12 13.69
CA THR A 349 13.48 25.31 14.43
C THR A 349 12.58 24.05 14.31
N ASP A 350 12.99 23.08 13.50
CA ASP A 350 12.24 21.84 13.43
C ASP A 350 12.56 20.90 14.60
N ALA A 351 11.63 20.83 15.55
CA ALA A 351 11.81 20.10 16.81
C ALA A 351 12.00 18.58 16.63
N LEU A 352 11.33 18.01 15.63
CA LEU A 352 11.50 16.60 15.33
C LEU A 352 12.93 16.28 14.75
N SER A 353 13.40 17.12 13.82
CA SER A 353 14.79 17.05 13.33
C SER A 353 15.78 17.15 14.47
N LYS A 354 15.59 18.15 15.33
CA LYS A 354 16.42 18.36 16.51
C LYS A 354 16.45 17.11 17.41
N SER A 355 15.30 16.50 17.70
CA SER A 355 15.27 15.27 18.48
C SER A 355 16.03 14.16 17.83
N MET A 356 15.74 13.92 16.56
CA MET A 356 16.44 12.81 15.91
C MET A 356 17.93 13.07 15.89
N ALA A 357 18.30 14.34 15.64
CA ALA A 357 19.71 14.71 15.59
C ALA A 357 20.44 14.45 16.90
N GLU A 358 19.76 14.75 18.01
CA GLU A 358 20.30 14.47 19.35
C GLU A 358 20.51 12.99 19.59
N ILE A 359 19.58 12.18 19.13
CA ILE A 359 19.73 10.72 19.23
C ILE A 359 20.91 10.22 18.41
N ILE A 360 21.05 10.76 17.20
CA ILE A 360 22.14 10.38 16.31
C ILE A 360 23.49 10.76 16.95
N GLN A 361 23.56 11.97 17.49
CA GLN A 361 24.77 12.45 18.13
C GLN A 361 25.14 11.53 19.30
N ALA A 362 24.16 11.19 20.14
CA ALA A 362 24.43 10.32 21.29
C ALA A 362 24.84 8.91 20.83
N ASP A 363 24.19 8.35 19.82
CA ASP A 363 24.53 6.99 19.35
C ASP A 363 25.97 7.00 18.78
N MET A 364 26.33 8.05 18.02
CA MET A 364 27.67 8.10 17.44
CA MET A 364 27.66 8.15 17.42
C MET A 364 28.78 8.36 18.47
N ARG A 365 28.45 9.09 19.54
CA ARG A 365 29.44 9.35 20.59
C ARG A 365 29.82 8.02 21.23
N GLN A 366 28.85 7.12 21.36
CA GLN A 366 29.12 5.78 21.89
C GLN A 366 30.18 5.00 21.09
N ILE A 367 30.34 5.27 19.80
CA ILE A 367 31.40 4.61 19.03
C ILE A 367 32.63 5.51 18.82
N GLY A 368 32.62 6.67 19.44
CA GLY A 368 33.77 7.56 19.41
C GLY A 368 33.76 8.59 18.30
N ALA A 369 32.58 8.91 17.76
CA ALA A 369 32.46 9.95 16.76
C ALA A 369 31.70 11.14 17.36
N ASP A 370 32.27 12.31 17.14
CA ASP A 370 31.70 13.57 17.62
C ASP A 370 30.86 14.19 16.52
N VAL A 371 29.55 14.19 16.71
CA VAL A 371 28.66 14.85 15.80
C VAL A 371 28.32 16.24 16.37
N SER A 372 28.71 17.31 15.69
CA SER A 372 28.22 18.64 16.08
C SER A 372 27.00 18.95 15.27
N LEU A 373 26.02 19.44 15.99
CA LEU A 373 24.72 19.76 15.49
C LEU A 373 24.72 21.21 14.99
N ILE A 374 24.42 21.42 13.72
CA ILE A 374 24.41 22.74 13.11
C ILE A 374 22.96 22.98 12.66
N GLY A 375 22.20 23.66 13.53
CA GLY A 375 20.80 23.97 13.23
C GLY A 375 20.76 25.37 12.67
N GLU A 376 20.18 25.54 11.49
CA GLU A 376 20.15 26.81 10.76
C GLU A 376 18.78 26.98 10.11
N GLU A 377 18.48 28.19 9.63
CA GLU A 377 17.20 28.41 8.93
C GLU A 377 17.14 27.65 7.62
N GLU A 378 15.91 27.47 7.15
CA GLU A 378 15.64 26.69 5.97
C GLU A 378 16.52 27.08 4.75
N SER A 379 16.63 28.39 4.47
CA SER A 379 17.42 28.86 3.30
C SER A 379 18.88 28.41 3.33
N SER A 380 19.53 28.62 4.48
CA SER A 380 20.92 28.20 4.70
CA SER A 380 20.92 28.20 4.70
C SER A 380 21.07 26.70 4.47
N ILE A 381 20.09 25.93 4.95
CA ILE A 381 20.14 24.48 4.83
C ILE A 381 20.03 24.06 3.38
N TYR A 382 19.09 24.67 2.66
CA TYR A 382 18.94 24.38 1.24
C TYR A 382 20.19 24.79 0.43
N ALA A 383 20.77 25.92 0.76
CA ALA A 383 22.04 26.31 0.12
C ALA A 383 23.11 25.20 0.39
N ARG A 384 23.20 24.72 1.62
CA ARG A 384 24.22 23.74 1.98
C ARG A 384 24.12 22.49 1.14
N GLN A 385 22.90 22.03 0.91
CA GLN A 385 22.68 20.76 0.21
C GLN A 385 22.97 20.91 -1.26
N ARG A 386 22.64 22.10 -1.77
CA ARG A 386 22.89 22.48 -3.16
C ARG A 386 24.41 22.47 -3.41
N ASP A 387 25.18 22.90 -2.41
CA ASP A 387 26.61 23.19 -2.53
C ASP A 387 27.52 22.13 -1.95
N GLY A 388 26.96 21.11 -1.31
CA GLY A 388 27.79 20.11 -0.64
C GLY A 388 28.48 20.62 0.61
N ARG A 389 27.96 21.69 1.22
CA ARG A 389 28.57 22.14 2.47
C ARG A 389 27.90 21.41 3.67
N PHE A 390 28.17 20.13 3.78
CA PHE A 390 27.65 19.37 4.88
C PHE A 390 28.51 18.15 5.08
N GLY A 391 28.54 17.64 6.31
CA GLY A 391 29.07 16.29 6.58
C GLY A 391 27.96 15.26 6.47
N MET A 392 26.89 15.49 7.23
CA MET A 392 25.66 14.67 7.17
C MET A 392 24.48 15.59 7.11
N ILE A 393 23.41 15.16 6.43
CA ILE A 393 22.14 15.84 6.46
C ILE A 393 21.01 14.83 6.52
N PHE A 394 19.86 15.25 7.01
CA PHE A 394 18.63 14.50 6.87
C PHE A 394 18.16 14.67 5.45
N HIS A 395 17.56 13.62 4.91
CA HIS A 395 17.21 13.60 3.50
C HIS A 395 16.13 12.56 3.33
N ARG A 396 15.30 12.74 2.32
CA ARG A 396 14.25 11.77 2.09
C ARG A 396 14.13 11.42 0.64
N THR A 397 13.66 10.19 0.37
CA THR A 397 13.22 9.86 -0.98
C THR A 397 11.85 10.46 -1.26
N TRP A 398 11.34 10.23 -2.45
CA TRP A 398 10.20 11.07 -2.90
C TRP A 398 8.90 10.33 -3.01
N GLY A 399 8.91 9.02 -2.74
CA GLY A 399 7.68 8.23 -2.86
C GLY A 399 7.32 7.88 -4.29
N ALA A 400 6.23 7.15 -4.47
CA ALA A 400 5.75 6.76 -5.81
C ALA A 400 5.17 7.94 -6.61
N PRO A 401 5.32 7.95 -7.96
CA PRO A 401 6.05 7.05 -8.85
C PRO A 401 7.49 7.54 -9.03
N TYR A 402 7.96 8.46 -8.19
CA TYR A 402 9.34 8.92 -8.29
C TYR A 402 10.36 7.85 -8.00
N ASP A 403 10.03 7.02 -7.02
CA ASP A 403 10.98 6.08 -6.49
C ASP A 403 10.81 4.79 -7.31
N PRO A 404 11.88 4.22 -7.88
CA PRO A 404 13.27 4.67 -7.83
C PRO A 404 13.76 5.57 -8.96
N HIS A 405 13.11 5.56 -10.14
CA HIS A 405 13.72 6.05 -11.39
C HIS A 405 14.05 7.55 -11.32
N ALA A 406 13.12 8.35 -10.82
CA ALA A 406 13.27 9.83 -10.79
C ALA A 406 14.24 10.26 -9.71
N PHE A 407 14.12 9.63 -8.53
CA PHE A 407 15.09 9.85 -7.47
C PHE A 407 16.53 9.54 -7.94
N LEU A 408 16.74 8.40 -8.58
CA LEU A 408 18.08 8.06 -9.11
C LEU A 408 18.54 9.05 -10.19
N SER A 409 17.62 9.36 -11.11
CA SER A 409 17.88 10.30 -12.17
C SER A 409 18.47 11.58 -11.62
N SER A 410 17.87 12.06 -10.54
CA SER A 410 18.26 13.32 -9.94
C SER A 410 19.64 13.30 -9.28
N MET A 411 20.19 12.13 -9.02
CA MET A 411 21.49 12.01 -8.37
C MET A 411 22.57 12.49 -9.33
N ARG A 412 22.23 12.69 -10.60
CA ARG A 412 23.21 13.11 -11.61
C ARG A 412 23.32 14.63 -11.66
N VAL A 413 22.39 15.32 -11.01
CA VAL A 413 22.25 16.76 -11.10
C VAL A 413 23.03 17.43 -9.97
N PRO A 414 24.08 18.23 -10.32
CA PRO A 414 25.02 18.74 -9.32
C PRO A 414 24.37 19.58 -8.25
N SER A 415 23.22 20.17 -8.53
CA SER A 415 22.58 20.94 -7.48
C SER A 415 21.61 20.10 -6.60
N ILE A 416 21.58 18.80 -6.78
CA ILE A 416 20.79 17.91 -5.91
C ILE A 416 21.75 17.36 -4.84
N ALA A 417 21.28 17.33 -3.59
CA ALA A 417 22.09 16.91 -2.43
C ALA A 417 22.72 15.53 -2.60
N ASP A 418 22.01 14.62 -3.29
CA ASP A 418 22.54 13.26 -3.52
C ASP A 418 23.80 13.26 -4.39
N PHE A 419 23.85 14.15 -5.38
CA PHE A 419 25.04 14.21 -6.20
C PHE A 419 26.20 14.67 -5.34
N GLN A 420 25.95 15.70 -4.54
CA GLN A 420 26.95 16.29 -3.68
C GLN A 420 27.48 15.25 -2.69
N ALA A 421 26.55 14.49 -2.08
CA ALA A 421 26.93 13.43 -1.14
C ALA A 421 27.72 12.34 -1.80
N GLN A 422 27.44 12.07 -3.09
CA GLN A 422 28.13 10.98 -3.84
C GLN A 422 29.38 11.44 -4.59
N GLN A 423 29.67 12.72 -4.46
CA GLN A 423 30.68 13.39 -5.28
C GLN A 423 32.06 12.75 -5.14
N GLY A 424 32.40 12.32 -3.93
CA GLY A 424 33.70 11.71 -3.68
C GLY A 424 33.87 10.26 -4.05
N LEU A 425 32.86 9.58 -4.57
CA LEU A 425 33.01 8.14 -4.83
C LEU A 425 33.79 7.94 -6.13
N ALA A 426 34.74 7.01 -6.13
CA ALA A 426 35.54 6.69 -7.32
C ALA A 426 34.67 6.15 -8.45
N ASP A 427 33.59 5.44 -8.11
CA ASP A 427 32.72 4.92 -9.16
C ASP A 427 31.51 5.82 -9.49
N LYS A 428 31.53 7.07 -9.01
CA LYS A 428 30.46 8.04 -9.28
C LYS A 428 30.27 8.25 -10.80
N PRO A 429 31.37 8.40 -11.56
CA PRO A 429 31.12 8.47 -13.04
C PRO A 429 30.38 7.25 -13.64
N LEU A 430 30.78 6.04 -13.29
CA LEU A 430 30.10 4.81 -13.70
C LEU A 430 28.63 4.77 -13.22
N ILE A 431 28.39 5.17 -11.98
CA ILE A 431 27.00 5.19 -11.46
C ILE A 431 26.09 6.12 -12.28
N ASP A 432 26.54 7.35 -12.53
CA ASP A 432 25.78 8.29 -13.36
C ASP A 432 25.55 7.78 -14.83
N LYS A 433 26.53 7.08 -15.39
CA LYS A 433 26.39 6.50 -16.71
C LYS A 433 25.33 5.39 -16.71
N GLU A 434 25.39 4.55 -15.68
CA GLU A 434 24.40 3.52 -15.52
C GLU A 434 23.00 4.10 -15.27
N ILE A 435 22.89 5.21 -14.53
CA ILE A 435 21.60 5.83 -14.29
C ILE A 435 21.04 6.32 -15.65
N GLY A 436 21.89 7.02 -16.43
CA GLY A 436 21.48 7.41 -17.80
C GLY A 436 21.00 6.23 -18.66
N GLU A 437 21.71 5.10 -18.58
CA GLU A 437 21.37 3.88 -19.33
C GLU A 437 20.07 3.21 -18.92
N VAL A 438 19.85 3.07 -17.61
CA VAL A 438 18.63 2.38 -17.14
C VAL A 438 17.35 3.10 -17.59
N LEU A 439 17.39 4.43 -17.60
CA LEU A 439 16.29 5.27 -18.04
C LEU A 439 15.99 5.14 -19.55
N ALA A 440 16.99 4.74 -20.35
CA ALA A 440 16.80 4.66 -21.80
C ALA A 440 16.59 3.23 -22.26
N THR A 441 16.74 2.27 -21.35
CA THR A 441 16.81 0.89 -21.81
C THR A 441 15.44 0.27 -22.10
N HIS A 442 15.45 -0.59 -23.11
CA HIS A 442 14.29 -1.29 -23.69
C HIS A 442 14.19 -2.70 -23.09
N ASP A 443 15.35 -3.34 -23.02
CA ASP A 443 15.53 -4.67 -22.49
C ASP A 443 15.25 -4.72 -21.01
N GLU A 444 14.19 -5.41 -20.63
CA GLU A 444 13.78 -5.45 -19.25
C GLU A 444 14.79 -6.15 -18.34
N THR A 445 15.47 -7.17 -18.87
CA THR A 445 16.48 -7.84 -18.06
C THR A 445 17.70 -6.96 -17.78
N GLN A 446 18.11 -6.19 -18.77
CA GLN A 446 19.17 -5.18 -18.58
C GLN A 446 18.75 -4.02 -17.63
N ARG A 447 17.48 -3.64 -17.68
CA ARG A 447 16.99 -2.58 -16.81
C ARG A 447 17.15 -2.99 -15.34
N GLN A 448 16.75 -4.23 -15.03
CA GLN A 448 16.85 -4.77 -13.69
C GLN A 448 18.29 -4.93 -13.25
N ALA A 449 19.18 -5.38 -14.16
CA ALA A 449 20.64 -5.47 -13.85
C ALA A 449 21.24 -4.13 -13.49
N LEU A 450 20.86 -3.10 -14.24
CA LEU A 450 21.38 -1.74 -14.02
C LEU A 450 20.85 -1.16 -12.71
N TYR A 451 19.54 -1.24 -12.46
CA TYR A 451 19.04 -0.91 -11.10
C TYR A 451 19.79 -1.68 -10.02
N ARG A 452 19.96 -2.98 -10.21
CA ARG A 452 20.64 -3.78 -9.17
C ARG A 452 22.03 -3.21 -8.95
N ASP A 453 22.73 -2.86 -10.04
CA ASP A 453 24.11 -2.41 -9.88
C ASP A 453 24.18 -1.03 -9.22
N ILE A 454 23.36 -0.10 -9.71
CA ILE A 454 23.28 1.21 -9.06
C ILE A 454 23.00 1.11 -7.52
N LEU A 455 21.94 0.39 -7.14
CA LEU A 455 21.52 0.35 -5.75
C LEU A 455 22.51 -0.41 -4.88
N THR A 456 23.10 -1.47 -5.44
CA THR A 456 24.10 -2.29 -4.73
C THR A 456 25.38 -1.49 -4.48
N ARG A 457 25.86 -0.76 -5.49
CA ARG A 457 27.01 0.12 -5.26
C ARG A 457 26.71 1.17 -4.19
N LEU A 458 25.58 1.87 -4.29
CA LEU A 458 25.20 2.87 -3.25
C LEU A 458 25.09 2.32 -1.80
N HIS A 459 24.53 1.12 -1.69
CA HIS A 459 24.42 0.41 -0.43
C HIS A 459 25.83 0.00 0.06
N ASP A 460 26.60 -0.68 -0.78
CA ASP A 460 27.94 -1.13 -0.38
C ASP A 460 28.93 0.00 -0.09
N GLU A 461 28.72 1.16 -0.71
CA GLU A 461 29.59 2.33 -0.46
C GLU A 461 29.11 3.18 0.71
N ALA A 462 28.01 2.74 1.31
CA ALA A 462 27.47 3.36 2.50
C ALA A 462 27.36 4.89 2.36
N VAL A 463 26.87 5.33 1.21
CA VAL A 463 26.56 6.74 0.97
C VAL A 463 25.48 7.24 1.92
N TYR A 464 24.48 6.40 2.19
CA TYR A 464 23.39 6.78 3.10
C TYR A 464 23.44 6.08 4.46
N LEU A 465 22.70 6.63 5.41
CA LEU A 465 22.32 5.94 6.64
C LEU A 465 20.79 5.93 6.68
N PRO A 466 20.16 4.89 6.12
CA PRO A 466 18.69 4.79 6.13
C PRO A 466 18.19 4.70 7.56
N ILE A 467 17.12 5.40 7.86
CA ILE A 467 16.60 5.44 9.23
C ILE A 467 15.19 4.81 9.33
N SER A 468 14.23 5.32 8.58
CA SER A 468 12.85 4.76 8.66
C SER A 468 12.12 4.94 7.36
N TYR A 469 11.06 4.16 7.21
CA TYR A 469 10.10 4.31 6.11
C TYR A 469 8.95 4.95 6.76
N ILE A 470 8.64 6.16 6.31
CA ILE A 470 7.62 6.96 6.96
C ILE A 470 6.30 6.87 6.24
N SER A 471 5.25 7.16 7.00
CA SER A 471 3.87 7.09 6.56
C SER A 471 3.16 8.43 6.49
N MET A 472 2.07 8.48 5.72
CA MET A 472 1.14 9.58 5.78
C MET A 472 0.29 9.45 7.06
N MET A 473 -0.03 10.58 7.68
CA MET A 473 -0.90 10.62 8.84
C MET A 473 -2.12 11.47 8.55
N VAL A 474 -3.21 11.11 9.20
CA VAL A 474 -4.44 11.82 9.09
C VAL A 474 -5.03 11.98 10.49
N VAL A 475 -5.53 13.20 10.78
CA VAL A 475 -6.38 13.39 11.95
C VAL A 475 -7.62 14.10 11.48
N SER A 476 -8.80 13.63 11.87
CA SER A 476 -10.04 14.24 11.40
C SER A 476 -11.20 14.09 12.35
N LYS A 477 -12.17 14.99 12.22
CA LYS A 477 -13.45 14.83 12.87
C LYS A 477 -14.12 13.60 12.28
N PRO A 478 -14.69 12.76 13.15
CA PRO A 478 -15.29 11.47 12.79
C PRO A 478 -16.36 11.60 11.71
N GLU A 479 -17.07 12.74 11.69
CA GLU A 479 -18.14 13.01 10.75
CA GLU A 479 -18.15 12.97 10.70
C GLU A 479 -17.67 12.93 9.25
N LEU A 480 -16.37 13.20 9.02
CA LEU A 480 -15.80 13.16 7.66
C LEU A 480 -15.64 11.73 7.09
N GLY A 481 -15.62 10.75 7.99
CA GLY A 481 -15.48 9.36 7.62
C GLY A 481 -14.02 9.00 7.33
N ASN A 482 -13.86 7.89 6.64
CA ASN A 482 -12.56 7.38 6.28
C ASN A 482 -11.99 8.30 5.21
N ILE A 483 -10.72 8.67 5.39
CA ILE A 483 -10.03 9.54 4.45
C ILE A 483 -9.08 8.69 3.59
N PRO A 484 -9.27 8.68 2.25
CA PRO A 484 -8.45 7.86 1.36
C PRO A 484 -7.08 8.53 1.10
N TYR A 485 -6.11 7.76 0.66
CA TYR A 485 -4.81 8.31 0.23
C TYR A 485 -4.63 8.48 -1.27
N ALA A 486 -3.90 9.51 -1.65
CA ALA A 486 -3.55 9.69 -3.03
C ALA A 486 -2.36 8.80 -3.32
N PRO A 487 -2.35 8.12 -4.48
CA PRO A 487 -1.22 7.25 -4.85
C PRO A 487 0.08 8.03 -5.05
N ILE A 488 -0.01 9.38 -5.18
CA ILE A 488 1.17 10.27 -5.10
C ILE A 488 1.24 11.01 -3.78
N ALA A 489 2.43 10.99 -3.16
CA ALA A 489 2.63 11.40 -1.75
C ALA A 489 2.35 12.85 -1.46
N THR A 490 2.56 13.70 -2.46
CA THR A 490 2.37 15.13 -2.28
C THR A 490 0.94 15.52 -2.58
N GLU A 491 0.13 14.58 -3.04
CA GLU A 491 -1.25 14.89 -3.42
C GLU A 491 -2.17 14.51 -2.27
N ILE A 492 -3.26 15.25 -2.14
CA ILE A 492 -4.29 14.98 -1.14
C ILE A 492 -5.64 14.79 -1.85
N PRO A 493 -6.26 13.60 -1.70
CA PRO A 493 -7.40 13.27 -2.58
C PRO A 493 -8.73 13.79 -2.04
N PHE A 494 -8.87 15.11 -1.95
CA PHE A 494 -10.10 15.72 -1.42
C PHE A 494 -11.34 15.35 -2.19
N GLU A 495 -11.17 15.01 -3.47
CA GLU A 495 -12.26 14.72 -4.41
CA GLU A 495 -12.29 14.74 -4.37
C GLU A 495 -12.95 13.41 -4.02
N GLN A 496 -12.25 12.58 -3.25
CA GLN A 496 -12.75 11.25 -2.87
C GLN A 496 -13.26 11.18 -1.42
N ILE A 497 -13.19 12.28 -0.68
CA ILE A 497 -13.76 12.34 0.67
C ILE A 497 -15.27 12.34 0.48
N LYS A 498 -15.94 11.42 1.18
CA LYS A 498 -17.37 11.21 0.95
C LYS A 498 -18.01 10.96 2.32
N PRO A 499 -18.38 12.06 3.00
CA PRO A 499 -19.10 11.99 4.27
C PRO A 499 -20.57 11.62 4.01
N PRO B 3 6.48 -18.16 -26.28
CA PRO B 3 6.54 -16.96 -27.11
C PRO B 3 6.13 -15.68 -26.35
N ASP B 4 4.86 -15.31 -26.44
CA ASP B 4 4.25 -14.23 -25.62
C ASP B 4 3.11 -14.86 -24.79
N GLU B 5 3.40 -16.09 -24.37
CA GLU B 5 2.52 -16.92 -23.59
C GLU B 5 3.24 -17.20 -22.28
N ILE B 6 2.52 -17.16 -21.17
CA ILE B 6 3.19 -17.41 -19.89
C ILE B 6 2.70 -18.71 -19.29
N THR B 7 3.59 -19.38 -18.58
CA THR B 7 3.22 -20.47 -17.72
C THR B 7 3.47 -20.05 -16.27
N THR B 8 2.53 -20.36 -15.40
CA THR B 8 2.69 -20.08 -13.96
C THR B 8 2.27 -21.34 -13.20
N ALA B 9 2.12 -21.24 -11.88
CA ALA B 9 1.68 -22.37 -11.05
C ALA B 9 0.62 -21.98 -10.01
N TRP B 10 -0.16 -22.97 -9.61
CA TRP B 10 -1.10 -22.85 -8.50
C TRP B 10 -1.17 -24.22 -7.78
N PRO B 11 -1.47 -24.24 -6.46
CA PRO B 11 -1.45 -25.48 -5.71
C PRO B 11 -2.50 -26.50 -6.09
N VAL B 12 -3.63 -26.03 -6.64
CA VAL B 12 -4.76 -26.88 -7.06
C VAL B 12 -5.31 -26.37 -8.40
N ASN B 13 -6.17 -27.15 -9.05
CA ASN B 13 -6.87 -26.66 -10.25
C ASN B 13 -7.71 -25.42 -9.88
N VAL B 14 -8.05 -24.62 -10.87
CA VAL B 14 -8.84 -23.41 -10.64
C VAL B 14 -10.30 -23.71 -10.25
N GLY B 15 -10.73 -24.95 -10.49
CA GLY B 15 -12.13 -25.34 -10.21
C GLY B 15 -13.02 -25.22 -11.45
N PRO B 16 -14.34 -25.49 -11.31
CA PRO B 16 -15.23 -25.36 -12.48
C PRO B 16 -15.49 -23.93 -12.88
N LEU B 17 -15.13 -22.99 -12.02
CA LEU B 17 -15.38 -21.58 -12.23
C LEU B 17 -16.86 -21.24 -12.29
N ASN B 18 -17.62 -21.81 -11.36
CA ASN B 18 -18.91 -21.28 -11.03
C ASN B 18 -18.67 -19.91 -10.35
N PRO B 19 -19.23 -18.82 -10.89
CA PRO B 19 -18.99 -17.49 -10.33
C PRO B 19 -19.68 -17.28 -9.00
N HIS B 20 -20.58 -18.19 -8.65
CA HIS B 20 -21.43 -17.99 -7.49
C HIS B 20 -21.19 -18.98 -6.36
N LEU B 21 -20.18 -19.83 -6.49
CA LEU B 21 -19.82 -20.78 -5.44
C LEU B 21 -18.39 -20.52 -4.93
N TYR B 22 -18.02 -21.24 -3.88
CA TYR B 22 -16.81 -20.96 -3.11
C TYR B 22 -15.88 -22.14 -3.37
N THR B 23 -15.13 -22.63 -2.40
CA THR B 23 -14.23 -23.73 -2.72
CA THR B 23 -14.25 -23.79 -2.61
C THR B 23 -15.02 -24.85 -3.41
N PRO B 24 -14.40 -25.55 -4.40
CA PRO B 24 -13.01 -25.56 -4.89
C PRO B 24 -12.67 -24.50 -5.96
N ASN B 25 -13.61 -23.61 -6.27
CA ASN B 25 -13.32 -22.48 -7.16
C ASN B 25 -12.29 -21.59 -6.55
N GLN B 26 -11.32 -21.16 -7.36
CA GLN B 26 -10.25 -20.27 -6.90
C GLN B 26 -10.62 -18.86 -7.30
N MET B 27 -10.59 -17.97 -6.33
CA MET B 27 -11.09 -16.60 -6.49
C MET B 27 -10.35 -15.86 -7.57
N PHE B 28 -9.04 -16.04 -7.65
CA PHE B 28 -8.28 -15.28 -8.66
C PHE B 28 -8.75 -15.68 -10.08
N ALA B 29 -9.03 -16.97 -10.26
CA ALA B 29 -9.51 -17.51 -11.55
C ALA B 29 -10.92 -17.04 -11.90
N GLN B 30 -11.79 -16.98 -10.90
CA GLN B 30 -13.12 -16.41 -11.11
C GLN B 30 -13.02 -14.94 -11.52
N SER B 31 -12.02 -14.26 -10.97
CA SER B 31 -11.84 -12.84 -11.28
C SER B 31 -11.21 -12.63 -12.63
N MET B 32 -10.57 -13.67 -13.15
CA MET B 32 -10.03 -13.57 -14.51
C MET B 32 -11.17 -13.63 -15.56
N VAL B 33 -12.24 -14.32 -15.20
CA VAL B 33 -13.24 -14.67 -16.17
C VAL B 33 -14.48 -13.81 -16.00
N TYR B 34 -14.81 -13.49 -14.75
CA TYR B 34 -16.03 -12.79 -14.46
C TYR B 34 -15.74 -11.42 -13.88
N GLU B 35 -16.70 -10.52 -14.07
CA GLU B 35 -16.51 -9.10 -13.81
C GLU B 35 -17.70 -8.58 -13.06
N PRO B 36 -17.51 -7.51 -12.30
CA PRO B 36 -18.56 -6.92 -11.49
C PRO B 36 -19.20 -5.66 -12.11
N LEU B 37 -20.31 -5.19 -11.57
CA LEU B 37 -20.93 -3.89 -11.95
C LEU B 37 -20.02 -2.67 -11.72
N VAL B 38 -19.22 -2.75 -10.65
CA VAL B 38 -18.32 -1.66 -10.26
C VAL B 38 -16.98 -2.29 -9.79
N LYS B 39 -15.88 -1.59 -9.98
CA LYS B 39 -14.55 -2.17 -9.81
C LYS B 39 -13.82 -1.50 -8.67
N TYR B 40 -13.25 -2.31 -7.80
CA TYR B 40 -12.58 -1.80 -6.61
C TYR B 40 -11.25 -1.19 -6.98
N GLN B 41 -10.93 -0.05 -6.37
CA GLN B 41 -9.64 0.64 -6.59
C GLN B 41 -8.79 0.69 -5.32
N ALA B 42 -7.47 0.77 -5.47
CA ALA B 42 -6.54 0.75 -4.34
C ALA B 42 -6.86 1.77 -3.27
N ASP B 43 -7.43 2.90 -3.68
CA ASP B 43 -7.75 3.96 -2.72
CA ASP B 43 -7.82 4.01 -2.82
C ASP B 43 -9.02 3.71 -1.94
N GLY B 44 -9.72 2.60 -2.21
CA GLY B 44 -10.90 2.24 -1.44
C GLY B 44 -12.22 2.66 -2.08
N SER B 45 -12.13 3.45 -3.16
CA SER B 45 -13.32 3.76 -3.93
C SER B 45 -13.58 2.64 -4.96
N VAL B 46 -14.73 2.69 -5.64
CA VAL B 46 -15.01 1.86 -6.81
C VAL B 46 -15.16 2.80 -8.00
N ILE B 47 -14.83 2.30 -9.20
CA ILE B 47 -15.09 3.02 -10.45
C ILE B 47 -16.23 2.32 -11.22
N PRO B 48 -16.84 3.01 -12.20
CA PRO B 48 -17.79 2.28 -13.03
C PRO B 48 -17.11 1.16 -13.79
N TRP B 49 -17.78 0.04 -13.93
CA TRP B 49 -17.21 -1.05 -14.68
C TRP B 49 -18.29 -1.55 -15.66
N LEU B 50 -18.91 -2.69 -15.38
CA LEU B 50 -20.00 -3.18 -16.22
C LEU B 50 -21.17 -2.24 -16.16
N ALA B 51 -21.42 -1.68 -14.98
CA ALA B 51 -22.34 -0.56 -14.87
C ALA B 51 -21.57 0.73 -15.23
N LYS B 52 -22.10 1.46 -16.21
CA LYS B 52 -21.50 2.70 -16.73
C LYS B 52 -21.77 3.87 -15.79
N SER B 53 -22.98 3.90 -15.21
CA SER B 53 -23.41 4.95 -14.27
C SER B 53 -24.51 4.40 -13.36
N TRP B 54 -24.90 5.18 -12.34
CA TRP B 54 -25.99 4.81 -11.40
C TRP B 54 -26.54 6.00 -10.62
N THR B 55 -27.85 5.97 -10.38
CA THR B 55 -28.48 6.89 -9.45
C THR B 55 -29.14 6.05 -8.34
N HIS B 56 -29.36 6.66 -7.18
CA HIS B 56 -30.17 6.02 -6.16
C HIS B 56 -31.32 6.94 -5.77
N SER B 57 -32.36 6.38 -5.16
CA SER B 57 -33.37 7.19 -4.50
C SER B 57 -32.70 7.97 -3.35
N GLU B 58 -33.41 8.94 -2.78
CA GLU B 58 -32.84 9.69 -1.64
C GLU B 58 -32.90 8.90 -0.32
N ASP B 59 -33.76 7.88 -0.24
CA ASP B 59 -33.77 6.98 0.93
C ASP B 59 -32.64 5.93 0.86
N GLY B 60 -31.87 5.99 -0.22
CA GLY B 60 -30.68 5.16 -0.43
C GLY B 60 -30.91 3.66 -0.58
N LYS B 61 -32.17 3.28 -0.84
CA LYS B 61 -32.61 1.88 -0.75
C LYS B 61 -32.86 1.24 -2.11
N THR B 62 -33.20 2.07 -3.08
CA THR B 62 -33.44 1.65 -4.46
C THR B 62 -32.36 2.25 -5.34
N TRP B 63 -31.65 1.37 -6.05
CA TRP B 63 -30.58 1.79 -6.93
C TRP B 63 -30.91 1.35 -8.33
N THR B 64 -30.71 2.26 -9.27
CA THR B 64 -30.87 1.95 -10.68
CA THR B 64 -30.84 1.92 -10.68
C THR B 64 -29.52 2.16 -11.38
N PHE B 65 -28.98 1.07 -11.93
CA PHE B 65 -27.72 1.09 -12.68
C PHE B 65 -28.02 1.15 -14.17
N THR B 66 -27.22 1.95 -14.88
CA THR B 66 -27.19 1.92 -16.34
C THR B 66 -25.93 1.18 -16.75
N LEU B 67 -26.13 0.05 -17.40
CA LEU B 67 -25.06 -0.83 -17.82
C LEU B 67 -24.43 -0.33 -19.10
N ARG B 68 -23.14 -0.63 -19.28
CA ARG B 68 -22.51 -0.43 -20.58
C ARG B 68 -23.31 -1.22 -21.61
N ASP B 69 -23.34 -0.71 -22.83
CA ASP B 69 -24.07 -1.42 -23.90
C ASP B 69 -23.11 -2.00 -24.96
N ASP B 70 -21.82 -1.94 -24.70
CA ASP B 70 -20.83 -2.45 -25.65
C ASP B 70 -20.19 -3.78 -25.22
N VAL B 71 -20.84 -4.51 -24.32
CA VAL B 71 -20.23 -5.65 -23.61
C VAL B 71 -20.89 -6.98 -23.98
N LYS B 72 -20.08 -7.94 -24.39
CA LYS B 72 -20.56 -9.28 -24.71
C LYS B 72 -19.82 -10.28 -23.84
N PHE B 73 -20.52 -11.36 -23.46
CA PHE B 73 -19.86 -12.55 -22.93
C PHE B 73 -18.88 -13.08 -23.97
N SER B 74 -18.03 -14.03 -23.58
CA SER B 74 -16.94 -14.47 -24.44
C SER B 74 -17.42 -15.30 -25.64
N ASN B 75 -18.66 -15.80 -25.54
CA ASN B 75 -19.32 -16.52 -26.63
C ASN B 75 -20.10 -15.58 -27.56
N GLY B 76 -20.05 -14.28 -27.27
CA GLY B 76 -20.62 -13.25 -28.15
C GLY B 76 -21.99 -12.78 -27.72
N GLU B 77 -22.61 -13.49 -26.75
CA GLU B 77 -23.93 -13.14 -26.26
C GLU B 77 -23.87 -11.82 -25.52
N PRO B 78 -24.98 -11.05 -25.52
CA PRO B 78 -24.88 -9.71 -24.96
C PRO B 78 -24.98 -9.73 -23.43
N PHE B 79 -24.19 -8.85 -22.81
CA PHE B 79 -24.44 -8.49 -21.43
C PHE B 79 -25.49 -7.38 -21.41
N ASP B 80 -26.66 -7.69 -20.87
N ASP B 80 -26.67 -7.68 -20.87
CA ASP B 80 -27.74 -6.71 -20.73
CA ASP B 80 -27.73 -6.68 -20.73
C ASP B 80 -28.25 -6.75 -19.29
C ASP B 80 -28.36 -6.83 -19.34
N ALA B 81 -29.25 -5.91 -18.98
CA ALA B 81 -29.86 -5.88 -17.65
C ALA B 81 -30.57 -7.17 -17.28
N GLU B 82 -31.17 -7.80 -18.30
CA GLU B 82 -31.85 -9.07 -18.14
C GLU B 82 -30.84 -10.14 -17.74
N ALA B 83 -29.67 -10.14 -18.39
CA ALA B 83 -28.62 -11.07 -18.01
C ALA B 83 -28.16 -10.87 -16.56
N ALA B 84 -27.96 -9.61 -16.18
CA ALA B 84 -27.61 -9.27 -14.81
C ALA B 84 -28.68 -9.70 -13.80
N ALA B 85 -29.95 -9.47 -14.16
CA ALA B 85 -31.05 -9.81 -13.28
C ALA B 85 -31.11 -11.30 -12.93
N GLU B 86 -30.90 -12.14 -13.95
CA GLU B 86 -30.95 -13.62 -13.78
CA GLU B 86 -30.99 -13.60 -13.73
C GLU B 86 -29.83 -14.12 -12.89
N ASN B 87 -28.66 -13.46 -12.97
CA ASN B 87 -27.50 -13.81 -12.16
C ASN B 87 -27.79 -13.45 -10.70
N PHE B 88 -28.20 -12.21 -10.43
CA PHE B 88 -28.65 -11.88 -9.07
C PHE B 88 -29.63 -12.90 -8.54
N ARG B 89 -30.59 -13.29 -9.36
CA ARG B 89 -31.59 -14.24 -8.90
C ARG B 89 -30.96 -15.61 -8.60
N ALA B 90 -30.06 -16.08 -9.49
CA ALA B 90 -29.42 -17.41 -9.26
C ALA B 90 -28.57 -17.42 -7.98
N VAL B 91 -27.92 -16.28 -7.71
CA VAL B 91 -27.18 -16.11 -6.46
C VAL B 91 -28.14 -16.12 -5.26
N LEU B 92 -29.20 -15.32 -5.30
CA LEU B 92 -30.11 -15.26 -4.12
C LEU B 92 -31.05 -16.50 -3.93
N ASP B 93 -31.16 -17.35 -4.93
CA ASP B 93 -31.78 -18.67 -4.75
C ASP B 93 -30.98 -19.51 -3.74
N ASN B 94 -29.71 -19.15 -3.56
CA ASN B 94 -28.84 -19.84 -2.61
C ASN B 94 -28.42 -18.92 -1.46
N ARG B 95 -29.29 -17.96 -1.15
CA ARG B 95 -29.00 -16.86 -0.20
C ARG B 95 -28.22 -17.25 1.07
N GLN B 96 -28.72 -18.29 1.74
CA GLN B 96 -28.16 -18.78 3.00
CA GLN B 96 -28.02 -19.26 3.43
C GLN B 96 -26.63 -18.97 2.93
C GLN B 96 -26.51 -19.38 3.14
N ARG B 97 -26.16 -19.63 1.87
CA ARG B 97 -24.74 -19.85 1.59
C ARG B 97 -23.88 -18.56 1.63
N HIS B 98 -24.49 -17.41 1.37
CA HIS B 98 -23.76 -16.15 1.33
C HIS B 98 -24.01 -15.31 2.60
N ALA B 99 -24.39 -16.00 3.67
CA ALA B 99 -24.64 -15.42 5.01
C ALA B 99 -23.49 -14.52 5.49
N TRP B 100 -22.25 -14.94 5.21
CA TRP B 100 -21.04 -14.18 5.59
C TRP B 100 -21.03 -12.77 5.03
N LEU B 101 -21.77 -12.56 3.93
CA LEU B 101 -21.78 -11.28 3.22
C LEU B 101 -23.11 -10.55 3.40
N GLU B 102 -23.08 -9.45 4.16
CA GLU B 102 -24.33 -8.80 4.53
C GLU B 102 -25.15 -8.34 3.30
N LEU B 103 -24.50 -8.07 2.17
CA LEU B 103 -25.24 -7.62 0.98
C LEU B 103 -26.31 -8.66 0.52
N ALA B 104 -25.97 -9.94 0.63
CA ALA B 104 -26.86 -11.00 0.20
C ALA B 104 -28.07 -11.08 1.12
N ASN B 105 -27.93 -10.54 2.33
CA ASN B 105 -29.05 -10.44 3.28
C ASN B 105 -29.89 -9.19 2.95
N GLN B 106 -29.27 -8.22 2.28
CA GLN B 106 -29.87 -6.89 2.06
C GLN B 106 -30.73 -6.80 0.80
N ILE B 107 -30.40 -7.59 -0.22
CA ILE B 107 -31.03 -7.43 -1.51
C ILE B 107 -32.43 -8.01 -1.45
N VAL B 108 -33.42 -7.18 -1.73
CA VAL B 108 -34.81 -7.62 -1.71
C VAL B 108 -35.28 -7.99 -3.11
N ASP B 109 -35.00 -7.14 -4.08
CA ASP B 109 -35.42 -7.41 -5.44
C ASP B 109 -34.40 -6.91 -6.46
N VAL B 110 -34.38 -7.56 -7.62
CA VAL B 110 -33.54 -7.13 -8.73
C VAL B 110 -34.35 -7.31 -10.01
N LYS B 111 -34.59 -6.23 -10.74
CA LYS B 111 -35.36 -6.34 -11.97
C LYS B 111 -34.72 -5.57 -13.11
N ALA B 112 -34.86 -6.10 -14.33
CA ALA B 112 -34.47 -5.40 -15.53
C ALA B 112 -35.60 -4.49 -16.05
N LEU B 113 -35.51 -3.21 -15.68
CA LEU B 113 -36.46 -2.19 -16.12
C LEU B 113 -36.47 -2.02 -17.64
N SER B 114 -35.29 -1.77 -18.21
CA SER B 114 -35.11 -1.67 -19.66
C SER B 114 -34.03 -2.67 -20.11
N LYS B 115 -33.42 -2.44 -21.28
CA LYS B 115 -32.34 -3.32 -21.74
C LYS B 115 -31.02 -3.00 -21.02
N THR B 116 -30.86 -1.74 -20.65
CA THR B 116 -29.63 -1.25 -20.03
C THR B 116 -29.82 -0.78 -18.58
N GLU B 117 -31.06 -0.71 -18.11
CA GLU B 117 -31.29 -0.28 -16.74
C GLU B 117 -31.63 -1.46 -15.83
N LEU B 118 -30.87 -1.56 -14.74
CA LEU B 118 -30.98 -2.64 -13.77
C LEU B 118 -31.34 -2.03 -12.42
N GLN B 119 -32.42 -2.48 -11.82
CA GLN B 119 -32.86 -1.92 -10.55
C GLN B 119 -32.67 -2.89 -9.39
N ILE B 120 -31.83 -2.51 -8.43
CA ILE B 120 -31.67 -3.27 -7.19
C ILE B 120 -32.32 -2.49 -6.05
N THR B 121 -33.17 -3.18 -5.28
CA THR B 121 -33.78 -2.60 -4.09
C THR B 121 -33.35 -3.36 -2.83
N LEU B 122 -32.97 -2.59 -1.80
CA LEU B 122 -32.43 -3.14 -0.54
C LEU B 122 -33.40 -3.05 0.68
N LYS B 123 -32.99 -3.63 1.81
CA LYS B 123 -33.63 -3.41 3.11
C LYS B 123 -33.12 -2.11 3.72
N SER B 124 -31.85 -2.13 4.16
CA SER B 124 -31.19 -0.94 4.66
C SER B 124 -30.96 0.04 3.51
N ALA B 125 -30.35 1.20 3.82
CA ALA B 125 -29.60 1.98 2.85
C ALA B 125 -28.14 1.67 3.18
N TYR B 126 -27.65 0.61 2.55
CA TYR B 126 -26.51 -0.14 3.04
C TYR B 126 -25.20 0.49 2.58
N TYR B 127 -24.32 0.85 3.52
CA TYR B 127 -23.09 1.63 3.22
C TYR B 127 -22.06 0.92 2.32
N PRO B 128 -21.71 -0.33 2.63
CA PRO B 128 -20.68 -0.96 1.81
C PRO B 128 -21.22 -1.63 0.52
N PHE B 129 -22.47 -1.32 0.17
CA PHE B 129 -23.15 -1.85 -1.03
C PHE B 129 -22.22 -1.98 -2.23
N LEU B 130 -21.64 -0.85 -2.66
CA LEU B 130 -20.83 -0.85 -3.87
C LEU B 130 -19.54 -1.67 -3.75
N GLN B 131 -18.90 -1.64 -2.59
CA GLN B 131 -17.67 -2.43 -2.38
C GLN B 131 -17.96 -3.94 -2.42
N GLU B 132 -19.13 -4.32 -1.93
CA GLU B 132 -19.51 -5.73 -1.89
C GLU B 132 -19.94 -6.26 -3.28
N LEU B 133 -20.46 -5.36 -4.10
CA LEU B 133 -20.70 -5.60 -5.53
C LEU B 133 -19.38 -5.82 -6.32
N ALA B 134 -18.30 -5.17 -5.87
CA ALA B 134 -16.98 -5.24 -6.52
C ALA B 134 -16.23 -6.54 -6.28
N LEU B 135 -16.68 -7.33 -5.30
CA LEU B 135 -15.92 -8.52 -4.87
C LEU B 135 -15.86 -9.57 -5.95
N PRO B 136 -14.80 -10.39 -5.92
CA PRO B 136 -14.64 -11.49 -6.83
C PRO B 136 -15.87 -12.39 -6.92
N ARG B 137 -16.56 -12.59 -5.79
CA ARG B 137 -17.74 -13.45 -5.76
C ARG B 137 -18.59 -13.05 -4.55
N PRO B 138 -19.91 -13.28 -4.61
CA PRO B 138 -20.63 -13.99 -5.66
C PRO B 138 -21.35 -13.12 -6.70
N PHE B 139 -21.17 -11.79 -6.69
CA PHE B 139 -22.01 -10.95 -7.55
C PHE B 139 -21.39 -10.56 -8.90
N ARG B 140 -20.86 -11.57 -9.60
CA ARG B 140 -20.38 -11.42 -10.98
C ARG B 140 -21.16 -12.34 -11.97
N PHE B 141 -20.98 -12.10 -13.26
CA PHE B 141 -21.99 -12.47 -14.26
C PHE B 141 -21.56 -13.51 -15.29
N ILE B 142 -22.19 -14.67 -15.21
CA ILE B 142 -22.03 -15.73 -16.18
C ILE B 142 -23.18 -15.57 -17.19
N ALA B 143 -22.95 -16.03 -18.43
CA ALA B 143 -23.98 -16.06 -19.47
C ALA B 143 -25.15 -16.94 -19.04
N PRO B 144 -26.34 -16.37 -18.98
CA PRO B 144 -27.51 -17.15 -18.51
C PRO B 144 -27.75 -18.48 -19.28
N SER B 145 -27.32 -18.57 -20.54
CA SER B 145 -27.36 -19.82 -21.32
C SER B 145 -26.47 -20.92 -20.72
N GLN B 146 -25.63 -20.56 -19.76
CA GLN B 146 -24.83 -21.56 -19.06
C GLN B 146 -25.38 -21.98 -17.69
N PHE B 147 -26.48 -21.37 -17.27
CA PHE B 147 -27.22 -21.88 -16.10
C PHE B 147 -27.60 -23.31 -16.38
N LYS B 148 -27.83 -24.09 -15.33
CA LYS B 148 -28.43 -25.41 -15.48
C LYS B 148 -29.79 -25.30 -14.84
N ASN B 149 -30.86 -25.51 -15.64
CA ASN B 149 -32.25 -25.43 -15.15
C ASN B 149 -32.53 -24.11 -14.42
N HIS B 150 -32.15 -23.00 -15.03
CA HIS B 150 -32.37 -21.66 -14.46
C HIS B 150 -31.58 -21.34 -13.18
N GLU B 151 -30.63 -22.19 -12.81
CA GLU B 151 -29.81 -21.98 -11.60
C GLU B 151 -28.30 -22.07 -11.87
N THR B 152 -27.52 -21.65 -10.86
CA THR B 152 -26.06 -21.86 -10.81
C THR B 152 -25.71 -22.65 -9.55
N MET B 153 -26.60 -22.65 -8.54
CA MET B 153 -26.28 -23.29 -7.28
C MET B 153 -26.01 -24.79 -7.35
N ASN B 154 -26.46 -25.44 -8.43
CA ASN B 154 -26.23 -26.90 -8.59
C ASN B 154 -25.22 -27.21 -9.70
N GLY B 155 -24.60 -26.17 -10.23
CA GLY B 155 -23.62 -26.35 -11.29
C GLY B 155 -23.94 -25.46 -12.48
N ILE B 156 -22.95 -25.31 -13.36
CA ILE B 156 -23.11 -24.56 -14.60
C ILE B 156 -22.66 -25.47 -15.76
N LYS B 157 -22.81 -25.00 -16.99
CA LYS B 157 -22.25 -25.64 -18.17
C LYS B 157 -20.82 -25.13 -18.45
N ALA B 158 -20.65 -24.17 -19.37
CA ALA B 158 -19.32 -23.59 -19.57
C ALA B 158 -19.19 -22.29 -18.75
N PRO B 159 -17.98 -22.04 -18.22
CA PRO B 159 -17.73 -20.83 -17.39
C PRO B 159 -17.59 -19.58 -18.25
N ILE B 160 -18.71 -19.08 -18.78
CA ILE B 160 -18.69 -18.01 -19.77
C ILE B 160 -18.95 -16.65 -19.12
N GLY B 161 -17.90 -15.84 -19.00
CA GLY B 161 -18.05 -14.49 -18.44
C GLY B 161 -17.72 -13.42 -19.46
N THR B 162 -17.63 -12.18 -19.00
CA THR B 162 -17.35 -11.06 -19.90
C THR B 162 -15.89 -10.69 -19.83
N GLY B 163 -15.11 -11.47 -19.07
CA GLY B 163 -13.77 -11.05 -18.68
C GLY B 163 -12.74 -11.17 -19.77
N PRO B 164 -11.51 -10.68 -19.49
CA PRO B 164 -10.45 -10.71 -20.50
C PRO B 164 -9.78 -12.07 -20.65
N TRP B 165 -10.15 -13.05 -19.80
CA TRP B 165 -9.65 -14.42 -19.97
C TRP B 165 -10.76 -15.43 -20.16
N ILE B 166 -10.47 -16.46 -20.94
CA ILE B 166 -11.41 -17.51 -21.23
C ILE B 166 -10.74 -18.82 -20.80
N LEU B 167 -11.42 -19.59 -19.96
CA LEU B 167 -10.89 -20.87 -19.56
C LEU B 167 -11.01 -21.82 -20.74
N GLN B 168 -9.86 -22.16 -21.31
CA GLN B 168 -9.81 -23.05 -22.47
C GLN B 168 -9.66 -24.53 -22.17
N GLU B 169 -8.87 -24.92 -21.18
CA GLU B 169 -8.64 -26.35 -20.90
C GLU B 169 -8.28 -26.60 -19.46
N SER B 170 -8.85 -27.66 -18.88
CA SER B 170 -8.51 -28.12 -17.54
C SER B 170 -8.25 -29.61 -17.53
N LYS B 171 -7.23 -30.00 -16.79
CA LYS B 171 -6.97 -31.41 -16.49
C LYS B 171 -6.69 -31.60 -14.99
N LEU B 172 -7.57 -32.38 -14.35
CA LEU B 172 -7.53 -32.62 -12.93
C LEU B 172 -6.09 -32.96 -12.47
N ASN B 173 -5.65 -32.30 -11.40
CA ASN B 173 -4.29 -32.49 -10.83
C ASN B 173 -3.14 -32.15 -11.77
N GLN B 174 -3.42 -31.51 -12.91
CA GLN B 174 -2.32 -31.30 -13.85
C GLN B 174 -2.14 -29.86 -14.32
N TYR B 175 -3.16 -29.26 -14.90
CA TYR B 175 -3.05 -27.86 -15.34
C TYR B 175 -4.39 -27.25 -15.70
N ASP B 176 -4.38 -25.94 -15.89
CA ASP B 176 -5.49 -25.20 -16.47
C ASP B 176 -4.92 -24.21 -17.50
N VAL B 177 -5.65 -23.97 -18.58
CA VAL B 177 -5.19 -23.08 -19.65
C VAL B 177 -6.22 -22.01 -19.92
N PHE B 178 -5.76 -20.76 -19.86
CA PHE B 178 -6.58 -19.62 -20.20
C PHE B 178 -6.04 -19.00 -21.49
N VAL B 179 -6.92 -18.44 -22.29
CA VAL B 179 -6.50 -17.62 -23.41
C VAL B 179 -7.14 -16.25 -23.34
N ARG B 180 -6.46 -15.25 -23.91
CA ARG B 180 -7.01 -13.91 -24.06
C ARG B 180 -8.41 -13.93 -24.68
N ASN B 181 -9.28 -13.05 -24.22
CA ASN B 181 -10.59 -12.92 -24.83
C ASN B 181 -10.50 -11.86 -25.92
N GLU B 182 -10.46 -12.29 -27.18
CA GLU B 182 -10.17 -11.38 -28.31
C GLU B 182 -11.29 -10.35 -28.53
N ASN B 183 -12.49 -10.66 -28.03
CA ASN B 183 -13.66 -9.78 -28.11
C ASN B 183 -13.99 -9.10 -26.77
N TYR B 184 -12.98 -8.98 -25.92
CA TYR B 184 -13.15 -8.30 -24.64
C TYR B 184 -13.56 -6.81 -24.83
N TRP B 185 -14.54 -6.34 -24.06
CA TRP B 185 -14.98 -4.95 -24.17
C TRP B 185 -13.91 -3.90 -23.78
N GLY B 186 -12.98 -4.25 -22.89
CA GLY B 186 -11.99 -3.27 -22.41
C GLY B 186 -10.68 -3.41 -23.15
N GLU B 187 -9.57 -2.97 -22.54
CA GLU B 187 -8.25 -3.12 -23.17
C GLU B 187 -7.92 -4.59 -23.41
N LYS B 188 -7.26 -4.90 -24.52
CA LYS B 188 -6.83 -6.28 -24.79
C LYS B 188 -5.58 -6.59 -23.96
N PRO B 189 -5.58 -7.71 -23.20
CA PRO B 189 -4.33 -8.07 -22.53
C PRO B 189 -3.18 -8.24 -23.52
N ALA B 190 -1.98 -7.86 -23.13
CA ALA B 190 -0.80 -8.10 -23.97
C ALA B 190 -0.51 -9.60 -24.03
N ILE B 191 -0.84 -10.33 -22.94
CA ILE B 191 -0.58 -11.76 -22.90
C ILE B 191 -1.75 -12.50 -23.55
N LYS B 192 -1.44 -13.42 -24.46
CA LYS B 192 -2.45 -14.21 -25.20
C LYS B 192 -2.84 -15.51 -24.51
N LYS B 193 -1.89 -16.19 -23.89
CA LYS B 193 -2.17 -17.45 -23.21
C LYS B 193 -1.44 -17.62 -21.86
N ILE B 194 -2.17 -18.14 -20.86
CA ILE B 194 -1.62 -18.45 -19.56
C ILE B 194 -1.93 -19.90 -19.18
N THR B 195 -0.89 -20.67 -18.96
CA THR B 195 -1.06 -22.05 -18.48
C THR B 195 -0.71 -22.07 -16.99
N PHE B 196 -1.61 -22.62 -16.17
CA PHE B 196 -1.31 -22.82 -14.75
C PHE B 196 -0.97 -24.29 -14.56
N ASN B 197 0.27 -24.61 -14.20
CA ASN B 197 0.61 -25.95 -13.74
C ASN B 197 0.21 -26.15 -12.29
N VAL B 198 -0.43 -27.30 -12.01
CA VAL B 198 -0.84 -27.62 -10.63
C VAL B 198 0.37 -28.16 -9.86
N ILE B 199 0.89 -27.38 -8.91
CA ILE B 199 2.12 -27.73 -8.17
C ILE B 199 1.87 -27.45 -6.68
N PRO B 200 1.44 -28.48 -5.90
CA PRO B 200 1.07 -28.22 -4.49
C PRO B 200 2.23 -27.88 -3.53
N ASP B 201 3.45 -28.29 -3.87
CA ASP B 201 4.62 -28.17 -2.98
C ASP B 201 5.39 -26.87 -3.28
N PRO B 202 5.63 -26.02 -2.25
CA PRO B 202 6.28 -24.71 -2.49
C PRO B 202 7.71 -24.89 -2.99
N THR B 203 8.31 -25.97 -2.53
CA THR B 203 9.65 -26.32 -2.85
C THR B 203 9.77 -26.70 -4.34
N THR B 204 8.77 -27.41 -4.84
CA THR B 204 8.64 -27.80 -6.24
C THR B 204 8.28 -26.57 -7.08
N ARG B 205 7.49 -25.66 -6.52
CA ARG B 205 7.21 -24.39 -7.25
C ARG B 205 8.50 -23.64 -7.46
N ALA B 206 9.41 -23.64 -6.47
CA ALA B 206 10.70 -23.01 -6.63
C ALA B 206 11.54 -23.60 -7.75
N VAL B 207 11.56 -24.91 -7.82
CA VAL B 207 12.34 -25.57 -8.84
C VAL B 207 11.71 -25.35 -10.21
N ALA B 208 10.39 -25.47 -10.34
CA ALA B 208 9.74 -25.15 -11.61
C ALA B 208 10.16 -23.77 -12.12
N PHE B 209 10.23 -22.77 -11.22
CA PHE B 209 10.75 -21.46 -11.57
C PHE B 209 12.27 -21.43 -11.87
N GLU B 210 13.09 -22.04 -11.02
CA GLU B 210 14.56 -22.04 -11.24
C GLU B 210 14.92 -22.57 -12.65
N THR B 211 14.26 -23.64 -13.08
CA THR B 211 14.58 -24.30 -14.35
C THR B 211 13.99 -23.55 -15.57
N GLY B 212 13.17 -22.53 -15.32
CA GLY B 212 12.49 -21.83 -16.40
C GLY B 212 11.26 -22.57 -16.91
N ASP B 213 10.86 -23.66 -16.26
CA ASP B 213 9.62 -24.31 -16.68
C ASP B 213 8.43 -23.39 -16.51
N ILE B 214 8.43 -22.58 -15.47
CA ILE B 214 7.41 -21.57 -15.32
C ILE B 214 8.04 -20.17 -15.35
N ASP B 215 7.26 -19.18 -15.76
CA ASP B 215 7.79 -17.84 -15.97
C ASP B 215 7.53 -16.90 -14.78
N LEU B 216 6.54 -17.25 -13.95
CA LEU B 216 5.99 -16.33 -12.96
C LEU B 216 5.41 -17.12 -11.78
N LEU B 217 5.62 -16.61 -10.57
CA LEU B 217 4.85 -17.04 -9.37
C LEU B 217 4.36 -15.81 -8.62
N TYR B 218 3.12 -15.85 -8.13
CA TYR B 218 2.48 -14.68 -7.52
C TYR B 218 1.58 -15.26 -6.44
N GLY B 219 1.77 -14.85 -5.20
CA GLY B 219 1.00 -15.44 -4.08
C GLY B 219 1.44 -14.89 -2.75
N ASN B 220 0.92 -15.47 -1.67
CA ASN B 220 1.19 -15.03 -0.32
C ASN B 220 2.50 -15.58 0.22
N GLU B 221 2.70 -15.44 1.54
CA GLU B 221 3.93 -15.88 2.23
C GLU B 221 4.23 -17.36 2.05
N GLY B 222 3.22 -18.13 1.69
CA GLY B 222 3.39 -19.56 1.42
C GLY B 222 3.81 -19.92 -0.01
N LEU B 223 3.94 -18.92 -0.89
CA LEU B 223 4.26 -19.15 -2.31
C LEU B 223 5.44 -20.09 -2.57
N LEU B 224 6.51 -19.85 -1.81
CA LEU B 224 7.85 -20.34 -2.05
C LEU B 224 8.54 -20.42 -0.70
N PRO B 225 9.53 -21.33 -0.52
CA PRO B 225 10.28 -21.26 0.75
C PRO B 225 11.02 -19.92 0.84
N LEU B 226 11.06 -19.32 2.03
CA LEU B 226 11.47 -17.92 2.10
C LEU B 226 12.99 -17.73 2.10
N ASP B 227 13.77 -18.73 2.51
CA ASP B 227 15.22 -18.68 2.26
C ASP B 227 15.51 -18.80 0.78
N THR B 228 14.76 -19.63 0.08
CA THR B 228 14.90 -19.70 -1.39
C THR B 228 14.57 -18.33 -2.05
N PHE B 229 13.48 -17.72 -1.61
CA PHE B 229 13.09 -16.40 -2.12
C PHE B 229 14.19 -15.36 -1.94
N ALA B 230 14.74 -15.29 -0.72
CA ALA B 230 15.88 -14.44 -0.43
C ALA B 230 17.05 -14.75 -1.36
N ARG B 231 17.37 -16.04 -1.51
CA ARG B 231 18.44 -16.42 -2.46
C ARG B 231 18.11 -15.91 -3.88
N PHE B 232 16.86 -16.06 -4.33
CA PHE B 232 16.46 -15.58 -5.65
C PHE B 232 16.66 -14.07 -5.81
N SER B 233 16.37 -13.32 -4.73
CA SER B 233 16.39 -11.84 -4.76
C SER B 233 17.78 -11.30 -4.96
N GLN B 234 18.79 -12.13 -4.66
CA GLN B 234 20.19 -11.75 -4.78
C GLN B 234 20.79 -12.16 -6.11
N ASN B 235 19.99 -12.78 -6.97
CA ASN B 235 20.47 -13.33 -8.22
C ASN B 235 19.89 -12.55 -9.41
N PRO B 236 20.76 -11.89 -10.21
CA PRO B 236 20.26 -11.12 -11.39
C PRO B 236 19.59 -11.96 -12.45
N ALA B 237 19.81 -13.28 -12.43
CA ALA B 237 19.10 -14.16 -13.38
C ALA B 237 17.59 -14.17 -13.13
N TYR B 238 17.16 -13.76 -11.94
CA TYR B 238 15.72 -13.76 -11.60
C TYR B 238 15.27 -12.35 -11.24
N HIS B 239 13.97 -12.18 -11.16
CA HIS B 239 13.40 -10.97 -10.58
C HIS B 239 12.47 -11.38 -9.41
N THR B 240 12.55 -10.66 -8.30
CA THR B 240 11.64 -10.93 -7.18
C THR B 240 11.01 -9.61 -6.72
N GLN B 241 9.84 -9.73 -6.06
CA GLN B 241 9.14 -8.58 -5.49
C GLN B 241 8.45 -8.95 -4.16
N LEU B 242 8.29 -7.98 -3.28
CA LEU B 242 7.58 -8.16 -2.02
C LEU B 242 6.69 -6.96 -1.85
N SER B 243 5.36 -7.15 -1.80
CA SER B 243 4.44 -6.02 -1.60
C SER B 243 4.57 -5.43 -0.19
N GLN B 244 3.90 -4.32 0.03
CA GLN B 244 3.53 -3.89 1.38
C GLN B 244 2.51 -4.89 1.93
N PRO B 245 2.43 -4.98 3.27
CA PRO B 245 1.63 -6.03 3.86
C PRO B 245 0.18 -5.95 3.41
N ILE B 246 -0.49 -7.11 3.25
CA ILE B 246 -1.89 -7.13 2.80
C ILE B 246 -2.89 -7.65 3.82
N GLU B 247 -2.45 -8.45 4.78
CA GLU B 247 -3.41 -9.03 5.76
C GLU B 247 -2.64 -9.59 6.95
N THR B 248 -3.36 -9.98 8.01
CA THR B 248 -2.73 -10.47 9.21
C THR B 248 -2.77 -12.00 9.23
N VAL B 249 -1.72 -12.61 9.78
CA VAL B 249 -1.73 -14.03 10.08
C VAL B 249 -1.64 -14.13 11.59
N MET B 250 -2.42 -15.03 12.17
CA MET B 250 -2.45 -15.14 13.63
C MET B 250 -2.89 -16.54 14.06
N LEU B 251 -2.88 -16.79 15.37
CA LEU B 251 -3.63 -17.90 15.94
C LEU B 251 -5.00 -17.38 16.36
N ALA B 252 -6.00 -18.22 16.22
CA ALA B 252 -7.28 -18.00 16.88
C ALA B 252 -7.35 -18.98 18.05
N LEU B 253 -7.70 -18.45 19.23
CA LEU B 253 -7.83 -19.21 20.50
C LEU B 253 -9.28 -19.51 20.83
N ASN B 254 -9.57 -20.77 21.13
CA ASN B 254 -10.95 -21.15 21.38
C ASN B 254 -11.34 -20.80 22.79
N THR B 255 -12.08 -19.70 22.92
CA THR B 255 -12.52 -19.18 24.20
C THR B 255 -13.60 -20.08 24.86
N ALA B 256 -14.00 -21.15 24.20
CA ALA B 256 -15.10 -21.98 24.71
C ALA B 256 -14.64 -23.35 25.11
N LYS B 257 -13.33 -23.57 25.09
CA LYS B 257 -12.75 -24.87 25.40
C LYS B 257 -11.58 -24.72 26.37
N ALA B 258 -11.55 -25.55 27.41
CA ALA B 258 -10.41 -25.57 28.36
C ALA B 258 -9.12 -25.87 27.65
N PRO B 259 -8.02 -25.20 28.03
CA PRO B 259 -7.88 -24.11 29.01
C PRO B 259 -7.88 -22.69 28.40
N THR B 260 -8.02 -22.59 27.09
CA THR B 260 -8.08 -21.28 26.41
C THR B 260 -9.37 -20.53 26.70
N ASN B 261 -10.24 -21.17 27.48
CA ASN B 261 -11.45 -20.47 27.93
C ASN B 261 -11.10 -19.45 29.02
N GLU B 262 -9.93 -19.58 29.64
CA GLU B 262 -9.54 -18.61 30.67
C GLU B 262 -8.81 -17.43 30.03
N LEU B 263 -9.31 -16.22 30.32
CA LEU B 263 -8.69 -14.99 29.89
C LEU B 263 -7.19 -14.92 30.16
N ALA B 264 -6.83 -15.27 31.38
CA ALA B 264 -5.42 -15.27 31.80
C ALA B 264 -4.57 -16.24 31.00
N VAL B 265 -5.10 -17.38 30.61
CA VAL B 265 -4.35 -18.28 29.73
C VAL B 265 -4.10 -17.61 28.37
N ARG B 266 -5.09 -16.89 27.86
CA ARG B 266 -4.99 -16.27 26.55
C ARG B 266 -4.02 -15.13 26.48
N GLU B 267 -4.06 -14.28 27.50
CA GLU B 267 -3.11 -13.22 27.71
C GLU B 267 -1.69 -13.74 27.88
N ALA B 268 -1.51 -14.83 28.62
CA ALA B 268 -0.18 -15.39 28.86
C ALA B 268 0.40 -15.93 27.56
N LEU B 269 -0.44 -16.64 26.79
CA LEU B 269 -0.03 -17.10 25.44
C LEU B 269 0.38 -15.90 24.61
N ASN B 270 -0.37 -14.81 24.70
CA ASN B 270 -0.02 -13.62 23.91
C ASN B 270 1.30 -12.95 24.32
N TYR B 271 1.76 -13.20 25.54
CA TYR B 271 3.02 -12.63 26.01
C TYR B 271 4.19 -13.59 25.74
N ALA B 272 3.87 -14.86 25.44
CA ALA B 272 4.84 -15.95 25.41
C ALA B 272 5.65 -16.06 24.13
N VAL B 273 5.14 -15.54 23.03
CA VAL B 273 5.77 -15.76 21.73
C VAL B 273 6.73 -14.64 21.38
N ASN B 274 7.98 -15.02 21.04
CA ASN B 274 8.94 -14.06 20.55
C ASN B 274 8.67 -13.90 19.05
N LYS B 275 7.84 -12.91 18.70
CA LYS B 275 7.32 -12.77 17.34
C LYS B 275 8.44 -12.34 16.42
N LYS B 276 9.29 -11.47 16.93
CA LYS B 276 10.47 -10.98 16.21
C LYS B 276 11.30 -12.18 15.74
N SER B 277 11.57 -13.10 16.64
CA SER B 277 12.38 -14.27 16.34
C SER B 277 11.66 -15.30 15.47
N LEU B 278 10.37 -15.47 15.73
CA LEU B 278 9.55 -16.37 14.92
C LEU B 278 9.61 -15.91 13.45
N ILE B 279 9.49 -14.60 13.25
CA ILE B 279 9.57 -14.00 11.93
C ILE B 279 10.95 -14.24 11.31
N ASP B 280 12.02 -14.06 12.09
CA ASP B 280 13.38 -14.28 11.57
C ASP B 280 13.65 -15.73 11.20
N ASN B 281 13.05 -16.65 11.96
CA ASN B 281 13.30 -18.07 11.85
C ASN B 281 12.35 -18.85 10.94
N ALA B 282 11.06 -18.56 11.00
CA ALA B 282 10.12 -19.23 10.12
C ALA B 282 9.94 -18.49 8.79
N LEU B 283 10.11 -17.17 8.84
CA LEU B 283 9.77 -16.31 7.71
C LEU B 283 10.99 -15.61 7.08
N TYR B 284 12.18 -16.07 7.49
CA TYR B 284 13.45 -15.50 7.03
C TYR B 284 13.48 -13.98 7.04
N GLY B 285 12.94 -13.41 8.13
CA GLY B 285 12.76 -11.95 8.29
C GLY B 285 12.07 -11.17 7.18
N THR B 286 11.25 -11.82 6.36
CA THR B 286 10.65 -11.13 5.18
C THR B 286 9.37 -10.36 5.50
N GLN B 287 8.69 -10.72 6.59
CA GLN B 287 7.36 -10.18 6.89
C GLN B 287 7.40 -9.25 8.12
N GLN B 288 6.28 -8.61 8.47
CA GLN B 288 6.27 -7.66 9.58
C GLN B 288 5.59 -8.29 10.84
N VAL B 289 6.10 -7.99 12.05
CA VAL B 289 5.47 -8.41 13.34
C VAL B 289 4.08 -7.81 13.50
N ALA B 290 3.08 -8.60 13.90
CA ALA B 290 1.75 -8.06 14.13
C ALA B 290 1.43 -7.97 15.62
N ASP B 291 0.91 -6.82 16.06
CA ASP B 291 0.42 -6.64 17.44
C ASP B 291 -1.10 -6.77 17.59
N THR B 292 -1.83 -6.47 16.53
CA THR B 292 -3.30 -6.42 16.61
C THR B 292 -3.97 -7.17 15.47
N LEU B 293 -5.21 -7.60 15.66
CA LEU B 293 -5.92 -8.31 14.59
C LEU B 293 -5.74 -7.60 13.21
N PHE B 294 -5.99 -6.29 13.18
CA PHE B 294 -5.76 -5.49 11.98
C PHE B 294 -4.61 -4.55 12.21
N ALA B 295 -3.78 -4.42 11.18
CA ALA B 295 -2.68 -3.49 11.23
C ALA B 295 -3.25 -2.09 11.34
N PRO B 296 -2.47 -1.15 11.92
CA PRO B 296 -2.98 0.22 12.11
C PRO B 296 -3.37 0.94 10.81
N SER B 297 -2.86 0.48 9.66
CA SER B 297 -3.17 1.07 8.33
C SER B 297 -4.50 0.63 7.74
N VAL B 298 -5.12 -0.41 8.31
CA VAL B 298 -6.45 -0.84 7.90
C VAL B 298 -7.49 0.23 8.27
N PRO B 299 -8.46 0.51 7.38
CA PRO B 299 -9.55 1.46 7.70
C PRO B 299 -10.19 1.20 9.07
N TYR B 300 -10.39 2.27 9.83
CA TYR B 300 -11.05 2.23 11.16
C TYR B 300 -10.24 1.57 12.29
N ALA B 301 -9.02 1.15 11.99
CA ALA B 301 -8.27 0.33 12.90
C ALA B 301 -7.09 1.02 13.55
N ASN B 302 -6.87 2.32 13.30
CA ASN B 302 -5.78 2.99 14.00
C ASN B 302 -6.27 3.44 15.38
N LEU B 303 -6.21 2.55 16.36
CA LEU B 303 -6.92 2.75 17.63
C LEU B 303 -6.02 2.95 18.85
N GLY B 304 -4.72 2.90 18.64
CA GLY B 304 -3.75 2.98 19.72
C GLY B 304 -3.85 1.82 20.71
N LEU B 305 -4.27 0.65 20.24
CA LEU B 305 -4.38 -0.53 21.10
C LEU B 305 -3.01 -0.90 21.67
N LYS B 306 -2.97 -1.28 22.94
CA LYS B 306 -1.68 -1.54 23.58
C LYS B 306 -1.17 -2.91 23.12
N PRO B 307 0.07 -2.97 22.61
CA PRO B 307 0.71 -4.27 22.28
C PRO B 307 0.88 -5.18 23.50
N SER B 308 0.83 -6.50 23.26
CA SER B 308 1.24 -7.54 24.22
C SER B 308 2.53 -8.12 23.66
N GLN B 309 3.61 -7.37 23.85
CA GLN B 309 4.97 -7.74 23.49
C GLN B 309 5.49 -9.04 24.12
N TYR B 310 6.70 -9.44 23.74
CA TYR B 310 7.28 -10.69 24.23
C TYR B 310 7.80 -10.51 25.67
N ASP B 311 7.15 -11.19 26.61
CA ASP B 311 7.48 -11.04 28.03
C ASP B 311 7.15 -12.30 28.80
N PRO B 312 8.05 -13.29 28.77
CA PRO B 312 7.77 -14.54 29.44
C PRO B 312 7.45 -14.35 30.94
N GLN B 313 8.02 -13.31 31.55
CA GLN B 313 7.82 -13.01 32.99
C GLN B 313 6.39 -12.61 33.29
N LYS B 314 5.86 -11.66 32.52
CA LYS B 314 4.43 -11.33 32.56
C LYS B 314 3.58 -12.57 32.39
N ALA B 315 3.93 -13.41 31.40
CA ALA B 315 3.13 -14.61 31.11
C ALA B 315 3.06 -15.56 32.29
N LYS B 316 4.21 -15.95 32.85
CA LYS B 316 4.24 -16.90 33.97
C LYS B 316 3.52 -16.34 35.19
N ALA B 317 3.66 -15.02 35.39
CA ALA B 317 3.00 -14.31 36.48
C ALA B 317 1.47 -14.34 36.33
N LEU B 318 0.96 -14.05 35.13
CA LEU B 318 -0.49 -14.21 34.88
C LEU B 318 -0.98 -15.61 35.16
N LEU B 319 -0.22 -16.61 34.71
CA LEU B 319 -0.65 -18.00 34.87
C LEU B 319 -0.69 -18.42 36.34
N GLU B 320 0.29 -17.96 37.12
CA GLU B 320 0.32 -18.23 38.57
C GLU B 320 -0.94 -17.64 39.24
N LYS B 321 -1.20 -16.35 39.01
CA LYS B 321 -2.37 -15.64 39.58
C LYS B 321 -3.67 -16.40 39.31
N ALA B 322 -3.71 -17.09 38.17
CA ALA B 322 -4.93 -17.80 37.76
C ALA B 322 -4.95 -19.26 38.20
N GLY B 323 -3.99 -19.66 39.03
CA GLY B 323 -3.96 -21.04 39.57
C GLY B 323 -3.19 -22.09 38.76
N TRP B 324 -2.54 -21.66 37.66
CA TRP B 324 -1.74 -22.56 36.83
C TRP B 324 -0.32 -22.61 37.35
N THR B 325 -0.02 -23.66 38.13
CA THR B 325 1.16 -23.63 38.96
C THR B 325 2.09 -24.84 38.69
N LEU B 326 3.40 -24.65 38.88
CA LEU B 326 4.37 -25.73 38.60
C LEU B 326 4.55 -26.73 39.75
N PRO B 327 4.01 -27.96 39.60
CA PRO B 327 4.39 -28.97 40.56
C PRO B 327 5.78 -29.54 40.23
N ALA B 328 6.83 -28.94 40.78
CA ALA B 328 8.21 -29.45 40.64
C ALA B 328 8.28 -30.96 40.93
N GLY B 329 9.19 -31.66 40.25
CA GLY B 329 10.15 -31.06 39.32
C GLY B 329 9.67 -30.89 37.88
N LYS B 330 8.39 -31.20 37.63
CA LYS B 330 7.72 -31.05 36.31
C LYS B 330 7.73 -29.63 35.74
N ASP B 331 7.87 -29.50 34.41
CA ASP B 331 7.89 -28.17 33.75
C ASP B 331 6.57 -27.73 33.11
N ILE B 332 5.54 -28.57 33.21
CA ILE B 332 4.21 -28.23 32.72
C ILE B 332 3.23 -28.02 33.88
N ARG B 333 2.65 -26.82 33.91
CA ARG B 333 1.76 -26.39 34.98
C ARG B 333 0.51 -27.24 35.09
N GLU B 334 -0.08 -27.20 36.27
CA GLU B 334 -1.30 -27.92 36.59
C GLU B 334 -2.25 -27.00 37.34
N LYS B 335 -3.54 -27.18 37.06
CA LYS B 335 -4.58 -26.55 37.84
C LYS B 335 -5.69 -27.58 38.03
N ASN B 336 -6.03 -27.86 39.29
CA ASN B 336 -7.08 -28.81 39.65
C ASN B 336 -6.91 -30.20 39.02
N GLY B 337 -5.71 -30.77 39.16
CA GLY B 337 -5.38 -32.09 38.58
C GLY B 337 -5.46 -32.21 37.06
N GLN B 338 -4.98 -31.18 36.35
CA GLN B 338 -5.02 -31.13 34.87
C GLN B 338 -3.83 -30.33 34.31
N PRO B 339 -3.11 -30.91 33.33
CA PRO B 339 -1.98 -30.18 32.71
C PRO B 339 -2.46 -29.01 31.88
N LEU B 340 -1.64 -27.97 31.80
CA LEU B 340 -1.85 -26.86 30.90
C LEU B 340 -1.43 -27.38 29.51
N ARG B 341 -2.38 -28.05 28.85
CA ARG B 341 -2.13 -28.67 27.54
C ARG B 341 -3.09 -28.01 26.58
N ILE B 342 -2.57 -27.47 25.48
CA ILE B 342 -3.41 -26.77 24.49
C ILE B 342 -3.20 -27.40 23.09
N GLU B 343 -4.28 -27.76 22.45
CA GLU B 343 -4.19 -28.34 21.11
C GLU B 343 -3.89 -27.30 20.03
N LEU B 344 -2.80 -27.44 19.29
CA LEU B 344 -2.62 -26.63 18.06
C LEU B 344 -2.84 -27.49 16.81
N SER B 345 -4.03 -27.36 16.22
CA SER B 345 -4.43 -28.02 14.98
C SER B 345 -3.96 -27.26 13.76
N PHE B 346 -3.19 -27.91 12.90
CA PHE B 346 -2.76 -27.28 11.65
C PHE B 346 -2.77 -28.31 10.49
N ILE B 347 -2.59 -27.82 9.26
CA ILE B 347 -2.48 -28.67 8.05
C ILE B 347 -1.07 -29.29 8.05
N GLY B 348 -1.02 -30.63 8.20
CA GLY B 348 0.22 -31.31 8.58
C GLY B 348 1.35 -31.24 7.55
N THR B 349 0.94 -31.12 6.29
CA THR B 349 1.85 -31.12 5.15
C THR B 349 2.30 -29.70 4.76
N ASP B 350 1.75 -28.68 5.43
CA ASP B 350 2.13 -27.29 5.21
C ASP B 350 3.40 -26.95 5.98
N ALA B 351 4.52 -26.96 5.24
CA ALA B 351 5.85 -26.73 5.78
C ALA B 351 5.93 -25.50 6.68
N LEU B 352 5.20 -24.45 6.31
CA LEU B 352 5.25 -23.18 7.05
C LEU B 352 4.44 -23.19 8.36
N SER B 353 3.21 -23.69 8.31
CA SER B 353 2.42 -23.87 9.52
C SER B 353 3.21 -24.72 10.54
N LYS B 354 3.87 -25.77 10.03
CA LYS B 354 4.63 -26.67 10.87
C LYS B 354 5.79 -26.00 11.58
N SER B 355 6.63 -25.27 10.83
CA SER B 355 7.75 -24.58 11.46
C SER B 355 7.26 -23.53 12.46
N MET B 356 6.16 -22.85 12.16
CA MET B 356 5.61 -21.87 13.12
C MET B 356 5.09 -22.59 14.37
N ALA B 357 4.38 -23.70 14.15
CA ALA B 357 3.84 -24.50 15.25
C ALA B 357 4.93 -24.97 16.20
N GLU B 358 6.07 -25.42 15.65
CA GLU B 358 7.22 -25.84 16.45
C GLU B 358 7.82 -24.71 17.26
N ILE B 359 7.96 -23.56 16.64
CA ILE B 359 8.47 -22.40 17.35
C ILE B 359 7.52 -22.03 18.51
N ILE B 360 6.23 -21.98 18.20
CA ILE B 360 5.25 -21.57 19.19
C ILE B 360 5.27 -22.58 20.33
N GLN B 361 5.34 -23.87 20.00
CA GLN B 361 5.46 -24.90 21.04
C GLN B 361 6.64 -24.65 21.97
N ALA B 362 7.81 -24.37 21.40
CA ALA B 362 9.01 -24.13 22.21
C ALA B 362 8.84 -22.88 23.07
N ASP B 363 8.29 -21.81 22.49
CA ASP B 363 8.07 -20.57 23.24
C ASP B 363 7.12 -20.83 24.42
N MET B 364 6.05 -21.58 24.20
CA MET B 364 5.03 -21.74 25.25
C MET B 364 5.44 -22.75 26.30
N ARG B 365 6.36 -23.64 25.93
CA ARG B 365 6.94 -24.54 26.91
C ARG B 365 7.76 -23.72 27.92
N GLN B 366 8.40 -22.64 27.47
CA GLN B 366 9.17 -21.79 28.37
C GLN B 366 8.32 -21.16 29.51
N ILE B 367 7.01 -21.01 29.31
CA ILE B 367 6.13 -20.52 30.37
C ILE B 367 5.37 -21.64 31.09
N GLY B 368 5.59 -22.89 30.73
CA GLY B 368 4.90 -24.00 31.38
C GLY B 368 3.61 -24.50 30.73
N ALA B 369 3.39 -24.14 29.46
CA ALA B 369 2.22 -24.67 28.72
C ALA B 369 2.70 -25.72 27.70
N ASP B 370 1.96 -26.82 27.63
CA ASP B 370 2.29 -27.86 26.72
C ASP B 370 1.44 -27.71 25.47
N VAL B 371 2.05 -27.26 24.39
CA VAL B 371 1.29 -27.14 23.13
C VAL B 371 1.38 -28.46 22.39
N SER B 372 0.25 -29.11 22.19
CA SER B 372 0.17 -30.34 21.39
C SER B 372 0.05 -29.99 19.91
N LEU B 373 1.03 -30.41 19.12
CA LEU B 373 1.02 -30.25 17.66
C LEU B 373 0.21 -31.34 16.99
N ILE B 374 -0.96 -30.96 16.47
CA ILE B 374 -1.90 -31.86 15.85
C ILE B 374 -1.95 -31.60 14.32
N GLY B 375 -1.10 -32.31 13.59
CA GLY B 375 -1.06 -32.19 12.13
C GLY B 375 -2.10 -33.07 11.51
N GLU B 376 -2.97 -32.48 10.70
CA GLU B 376 -4.03 -33.22 10.03
C GLU B 376 -4.16 -32.83 8.57
N GLU B 377 -5.02 -33.55 7.88
CA GLU B 377 -5.36 -33.20 6.51
C GLU B 377 -6.23 -31.93 6.49
N GLU B 378 -6.05 -31.14 5.43
CA GLU B 378 -6.81 -29.89 5.27
C GLU B 378 -8.31 -30.08 5.50
N SER B 379 -8.88 -31.16 4.99
CA SER B 379 -10.33 -31.37 5.15
C SER B 379 -10.74 -31.54 6.61
N SER B 380 -9.93 -32.23 7.43
CA SER B 380 -10.29 -32.29 8.86
C SER B 380 -10.06 -30.96 9.61
N ILE B 381 -9.10 -30.14 9.16
CA ILE B 381 -8.89 -28.81 9.72
C ILE B 381 -10.09 -27.92 9.43
N TYR B 382 -10.57 -28.01 8.18
CA TYR B 382 -11.73 -27.22 7.74
C TYR B 382 -12.95 -27.60 8.56
N ALA B 383 -13.12 -28.91 8.79
CA ALA B 383 -14.24 -29.43 9.57
C ALA B 383 -14.16 -29.00 11.06
N ARG B 384 -12.96 -29.11 11.65
CA ARG B 384 -12.70 -28.60 13.00
C ARG B 384 -13.08 -27.12 13.14
N GLN B 385 -12.63 -26.30 12.19
CA GLN B 385 -12.94 -24.87 12.17
C GLN B 385 -14.43 -24.63 12.24
N ARG B 386 -15.21 -25.35 11.43
CA ARG B 386 -16.68 -25.19 11.43
C ARG B 386 -17.35 -25.68 12.68
N ASP B 387 -16.81 -26.74 13.27
CA ASP B 387 -17.43 -27.44 14.40
C ASP B 387 -16.98 -26.86 15.75
N GLY B 388 -15.93 -26.04 15.75
CA GLY B 388 -15.33 -25.54 17.00
C GLY B 388 -14.50 -26.61 17.69
N ARG B 389 -14.13 -27.66 16.97
CA ARG B 389 -13.28 -28.72 17.54
C ARG B 389 -11.78 -28.33 17.51
N PHE B 390 -11.38 -27.30 18.24
CA PHE B 390 -9.97 -26.88 18.26
C PHE B 390 -9.66 -26.16 19.54
N GLY B 391 -8.38 -26.13 19.91
CA GLY B 391 -7.86 -25.28 20.97
C GLY B 391 -7.35 -24.00 20.33
N MET B 392 -6.33 -24.17 19.49
CA MET B 392 -5.75 -23.05 18.72
C MET B 392 -5.57 -23.47 17.26
N ILE B 393 -5.78 -22.53 16.34
CA ILE B 393 -5.61 -22.80 14.90
C ILE B 393 -4.89 -21.61 14.27
N PHE B 394 -4.20 -21.85 13.17
CA PHE B 394 -3.70 -20.72 12.42
C PHE B 394 -4.89 -20.15 11.69
N HIS B 395 -4.86 -18.85 11.43
CA HIS B 395 -5.99 -18.16 10.79
C HIS B 395 -5.47 -16.88 10.17
N ARG B 396 -6.26 -16.28 9.28
CA ARG B 396 -5.81 -15.05 8.66
C ARG B 396 -6.96 -14.13 8.33
N THR B 397 -6.66 -12.85 8.20
CA THR B 397 -7.68 -11.91 7.74
C THR B 397 -7.64 -11.93 6.23
N TRP B 398 -8.53 -11.17 5.59
CA TRP B 398 -8.82 -11.39 4.19
C TRP B 398 -8.24 -10.33 3.24
N GLY B 399 -7.59 -9.30 3.78
CA GLY B 399 -7.09 -8.18 2.94
C GLY B 399 -8.19 -7.26 2.41
N ALA B 400 -7.82 -6.32 1.54
CA ALA B 400 -8.77 -5.31 1.03
C ALA B 400 -9.59 -5.90 -0.09
N PRO B 401 -10.86 -5.50 -0.24
CA PRO B 401 -11.60 -4.54 0.58
C PRO B 401 -12.33 -5.24 1.73
N TYR B 402 -12.01 -6.50 2.01
CA TYR B 402 -12.64 -7.22 3.09
C TYR B 402 -12.37 -6.70 4.48
N ASP B 403 -11.14 -6.28 4.75
CA ASP B 403 -10.74 -5.89 6.09
C ASP B 403 -11.05 -4.39 6.29
N PRO B 404 -11.80 -4.02 7.31
CA PRO B 404 -12.33 -4.81 8.43
C PRO B 404 -13.75 -5.33 8.24
N HIS B 405 -14.55 -4.67 7.38
CA HIS B 405 -16.02 -4.75 7.52
C HIS B 405 -16.56 -6.15 7.23
N ALA B 406 -16.06 -6.79 6.18
CA ALA B 406 -16.56 -8.12 5.77
C ALA B 406 -15.97 -9.20 6.64
N PHE B 407 -14.71 -9.02 7.05
CA PHE B 407 -14.13 -9.97 7.98
C PHE B 407 -14.93 -9.98 9.31
N LEU B 408 -15.22 -8.78 9.87
CA LEU B 408 -16.11 -8.68 11.05
C LEU B 408 -17.49 -9.30 10.78
N SER B 409 -18.08 -8.96 9.65
CA SER B 409 -19.40 -9.50 9.30
C SER B 409 -19.47 -11.02 9.46
N SER B 410 -18.44 -11.69 8.97
CA SER B 410 -18.43 -13.14 8.97
C SER B 410 -18.28 -13.77 10.35
N MET B 411 -17.78 -13.01 11.33
CA MET B 411 -17.69 -13.46 12.72
C MET B 411 -19.08 -13.85 13.32
N ARG B 412 -20.17 -13.47 12.65
CA ARG B 412 -21.52 -13.75 13.12
C ARG B 412 -22.07 -15.09 12.59
N VAL B 413 -21.34 -15.72 11.67
CA VAL B 413 -21.83 -16.91 11.00
C VAL B 413 -21.31 -18.15 11.73
N PRO B 414 -22.22 -19.04 12.16
CA PRO B 414 -21.77 -20.11 13.04
C PRO B 414 -20.69 -21.03 12.47
N SER B 415 -20.60 -21.16 11.17
CA SER B 415 -19.65 -22.10 10.64
C SER B 415 -18.28 -21.43 10.35
N ILE B 416 -18.12 -20.17 10.75
CA ILE B 416 -16.88 -19.46 10.53
C ILE B 416 -16.06 -19.66 11.77
N ALA B 417 -14.76 -19.96 11.62
CA ALA B 417 -13.90 -20.25 12.77
C ALA B 417 -13.91 -19.14 13.84
N ASP B 418 -14.04 -17.88 13.42
CA ASP B 418 -13.98 -16.75 14.37
C ASP B 418 -15.21 -16.77 15.27
N PHE B 419 -16.34 -17.18 14.69
CA PHE B 419 -17.53 -17.35 15.47
C PHE B 419 -17.29 -18.42 16.54
N GLN B 420 -16.70 -19.53 16.14
CA GLN B 420 -16.46 -20.65 17.04
C GLN B 420 -15.48 -20.25 18.16
N ALA B 421 -14.38 -19.60 17.79
CA ALA B 421 -13.37 -19.15 18.73
C ALA B 421 -13.92 -18.18 19.77
N GLN B 422 -14.87 -17.33 19.36
CA GLN B 422 -15.48 -16.25 20.18
C GLN B 422 -16.67 -16.65 21.07
N GLN B 423 -17.12 -17.90 20.94
CA GLN B 423 -18.31 -18.41 21.63
C GLN B 423 -18.26 -18.41 23.14
N GLY B 424 -17.08 -18.56 23.71
CA GLY B 424 -16.94 -18.50 25.16
C GLY B 424 -16.92 -17.09 25.74
N LEU B 425 -17.01 -16.05 24.92
CA LEU B 425 -16.94 -14.68 25.42
C LEU B 425 -18.26 -14.21 25.96
N ALA B 426 -18.21 -13.63 27.16
CA ALA B 426 -19.37 -13.05 27.82
C ALA B 426 -20.00 -12.00 26.94
N ASP B 427 -19.17 -11.24 26.22
CA ASP B 427 -19.72 -10.16 25.37
C ASP B 427 -19.86 -10.49 23.92
N LYS B 428 -19.77 -11.80 23.57
CA LYS B 428 -19.99 -12.25 22.20
C LYS B 428 -21.30 -11.75 21.64
N PRO B 429 -22.41 -11.85 22.43
CA PRO B 429 -23.69 -11.34 21.95
C PRO B 429 -23.65 -9.85 21.61
N LEU B 430 -23.17 -9.02 22.52
CA LEU B 430 -23.01 -7.58 22.27
C LEU B 430 -22.09 -7.27 21.05
N ILE B 431 -20.99 -8.01 20.90
CA ILE B 431 -20.08 -7.82 19.73
C ILE B 431 -20.84 -8.08 18.44
N ASP B 432 -21.54 -9.20 18.33
CA ASP B 432 -22.35 -9.47 17.09
C ASP B 432 -23.45 -8.45 16.87
N LYS B 433 -24.08 -7.99 17.95
CA LYS B 433 -25.04 -6.86 17.82
C LYS B 433 -24.35 -5.61 17.22
N GLU B 434 -23.16 -5.29 17.72
CA GLU B 434 -22.50 -4.08 17.23
C GLU B 434 -21.98 -4.22 15.81
N ILE B 435 -21.63 -5.45 15.41
CA ILE B 435 -21.19 -5.72 14.04
C ILE B 435 -22.36 -5.45 13.11
N GLY B 436 -23.55 -5.91 13.47
CA GLY B 436 -24.77 -5.55 12.71
C GLY B 436 -24.93 -4.03 12.60
N GLU B 437 -24.77 -3.34 13.73
CA GLU B 437 -24.98 -1.91 13.76
C GLU B 437 -23.94 -1.14 12.94
N VAL B 438 -22.65 -1.52 12.97
CA VAL B 438 -21.65 -0.83 12.13
C VAL B 438 -21.99 -0.92 10.64
N LEU B 439 -22.51 -2.07 10.24
CA LEU B 439 -22.87 -2.33 8.84
C LEU B 439 -24.07 -1.46 8.40
N ALA B 440 -24.96 -1.13 9.33
CA ALA B 440 -26.24 -0.51 8.98
C ALA B 440 -26.27 0.97 9.30
N THR B 441 -25.38 1.45 10.16
CA THR B 441 -25.51 2.81 10.64
C THR B 441 -25.20 3.81 9.52
N HIS B 442 -25.93 4.92 9.56
CA HIS B 442 -25.90 6.04 8.67
CA HIS B 442 -25.70 5.96 8.57
C HIS B 442 -24.92 7.09 9.17
N ASP B 443 -24.59 6.95 10.46
CA ASP B 443 -23.88 7.97 11.20
C ASP B 443 -22.40 7.58 11.31
N GLU B 444 -21.52 8.40 10.72
CA GLU B 444 -20.09 8.08 10.60
CA GLU B 444 -20.11 8.07 10.60
C GLU B 444 -19.40 8.09 11.96
N THR B 445 -19.87 8.94 12.86
CA THR B 445 -19.33 9.02 14.21
C THR B 445 -19.57 7.69 14.92
N GLN B 446 -20.83 7.27 14.92
CA GLN B 446 -21.24 6.02 15.55
C GLN B 446 -20.49 4.85 14.89
N ARG B 447 -20.33 4.89 13.56
CA ARG B 447 -19.64 3.81 12.82
C ARG B 447 -18.20 3.63 13.34
N GLN B 448 -17.50 4.73 13.53
CA GLN B 448 -16.17 4.70 14.11
C GLN B 448 -16.13 4.26 15.57
N ALA B 449 -17.05 4.77 16.39
CA ALA B 449 -17.14 4.34 17.81
C ALA B 449 -17.41 2.81 17.91
N LEU B 450 -18.19 2.29 16.98
CA LEU B 450 -18.54 0.89 16.97
C LEU B 450 -17.36 0.03 16.52
N TYR B 451 -16.66 0.46 15.46
CA TYR B 451 -15.41 -0.23 15.11
C TYR B 451 -14.45 -0.21 16.28
N ARG B 452 -14.33 0.92 16.97
CA ARG B 452 -13.39 0.99 18.08
C ARG B 452 -13.76 -0.03 19.15
N ASP B 453 -15.04 -0.01 19.55
CA ASP B 453 -15.54 -0.92 20.56
C ASP B 453 -15.36 -2.43 20.23
N ILE B 454 -15.75 -2.81 19.01
CA ILE B 454 -15.53 -4.20 18.59
C ILE B 454 -14.06 -4.63 18.65
N LEU B 455 -13.19 -3.87 18.02
CA LEU B 455 -11.77 -4.22 17.91
C LEU B 455 -11.09 -4.20 19.26
N THR B 456 -11.49 -3.25 20.10
CA THR B 456 -10.93 -3.15 21.41
C THR B 456 -11.36 -4.35 22.26
N ARG B 457 -12.63 -4.73 22.22
CA ARG B 457 -13.07 -5.92 22.99
C ARG B 457 -12.32 -7.20 22.57
N LEU B 458 -12.21 -7.40 21.24
CA LEU B 458 -11.55 -8.60 20.68
C LEU B 458 -10.07 -8.57 21.07
N HIS B 459 -9.49 -7.38 21.09
CA HIS B 459 -8.10 -7.24 21.55
C HIS B 459 -7.93 -7.49 23.06
N ASP B 460 -8.72 -6.79 23.89
CA ASP B 460 -8.70 -7.00 25.38
C ASP B 460 -9.04 -8.43 25.84
N GLU B 461 -9.82 -9.15 25.05
CA GLU B 461 -10.18 -10.50 25.44
C GLU B 461 -9.25 -11.56 24.91
N ALA B 462 -8.24 -11.10 24.16
CA ALA B 462 -7.17 -11.95 23.67
C ALA B 462 -7.76 -13.19 22.99
N VAL B 463 -8.71 -12.98 22.08
CA VAL B 463 -9.25 -14.06 21.22
C VAL B 463 -8.18 -14.53 20.23
N TYR B 464 -7.40 -13.56 19.72
CA TYR B 464 -6.36 -13.84 18.74
C TYR B 464 -4.95 -13.75 19.34
N LEU B 465 -4.02 -14.44 18.70
CA LEU B 465 -2.60 -14.27 18.93
C LEU B 465 -1.96 -13.80 17.60
N PRO B 466 -1.93 -12.47 17.38
CA PRO B 466 -1.42 -11.95 16.09
C PRO B 466 0.06 -12.21 15.92
N ILE B 467 0.44 -12.70 14.73
CA ILE B 467 1.81 -13.07 14.50
C ILE B 467 2.51 -12.09 13.55
N SER B 468 1.97 -11.94 12.35
CA SER B 468 2.64 -11.19 11.34
C SER B 468 1.65 -10.51 10.37
N TYR B 469 2.05 -9.36 9.83
CA TYR B 469 1.38 -8.79 8.69
C TYR B 469 2.14 -9.25 7.48
N ILE B 470 1.50 -10.09 6.65
CA ILE B 470 2.19 -10.70 5.53
C ILE B 470 1.98 -9.95 4.21
N SER B 471 2.92 -10.18 3.29
CA SER B 471 2.93 -9.50 1.99
C SER B 471 2.69 -10.48 0.86
N MET B 472 2.21 -9.94 -0.26
CA MET B 472 2.30 -10.66 -1.51
C MET B 472 3.75 -10.79 -1.99
N MET B 473 4.07 -11.96 -2.54
CA MET B 473 5.37 -12.11 -3.16
C MET B 473 5.29 -12.53 -4.63
N VAL B 474 6.31 -12.14 -5.38
CA VAL B 474 6.37 -12.42 -6.82
C VAL B 474 7.77 -12.92 -7.13
N VAL B 475 7.86 -13.95 -7.97
CA VAL B 475 9.15 -14.36 -8.57
C VAL B 475 8.83 -14.41 -10.07
N SER B 476 9.66 -13.80 -10.92
CA SER B 476 9.36 -13.77 -12.34
C SER B 476 10.61 -13.73 -13.19
N LYS B 477 10.52 -14.19 -14.44
CA LYS B 477 11.62 -13.97 -15.42
C LYS B 477 11.81 -12.49 -15.69
N PRO B 478 13.07 -12.01 -15.66
CA PRO B 478 13.30 -10.60 -15.90
C PRO B 478 12.60 -10.04 -17.11
N GLU B 479 12.47 -10.81 -18.19
CA GLU B 479 11.77 -10.32 -19.40
C GLU B 479 10.38 -9.82 -19.17
N LEU B 480 9.70 -10.32 -18.13
CA LEU B 480 8.34 -9.88 -17.90
C LEU B 480 8.26 -8.49 -17.26
N GLY B 481 9.39 -7.98 -16.77
CA GLY B 481 9.39 -6.62 -16.20
C GLY B 481 8.81 -6.53 -14.78
N ASN B 482 8.46 -5.33 -14.36
CA ASN B 482 7.83 -5.09 -13.06
C ASN B 482 6.40 -5.70 -13.05
N ILE B 483 6.06 -6.47 -12.02
CA ILE B 483 4.73 -7.10 -11.97
C ILE B 483 3.83 -6.34 -10.99
N PRO B 484 2.66 -5.86 -11.46
CA PRO B 484 1.76 -5.07 -10.61
C PRO B 484 0.94 -5.93 -9.65
N TYR B 485 0.43 -5.29 -8.60
CA TYR B 485 -0.50 -5.93 -7.65
C TYR B 485 -1.93 -5.45 -7.96
N ALA B 486 -2.91 -6.35 -7.83
CA ALA B 486 -4.32 -5.97 -7.93
C ALA B 486 -4.75 -5.35 -6.62
N PRO B 487 -5.67 -4.37 -6.65
CA PRO B 487 -6.24 -3.80 -5.43
C PRO B 487 -6.91 -4.87 -4.51
N ILE B 488 -7.64 -5.81 -5.10
CA ILE B 488 -8.18 -6.90 -4.33
C ILE B 488 -7.09 -7.94 -4.09
N ALA B 489 -6.88 -8.25 -2.80
CA ALA B 489 -5.77 -9.10 -2.37
C ALA B 489 -5.83 -10.52 -2.92
N THR B 490 -7.03 -10.99 -3.23
CA THR B 490 -7.21 -12.34 -3.80
C THR B 490 -7.14 -12.41 -5.34
N GLU B 491 -6.93 -11.26 -5.99
CA GLU B 491 -6.93 -11.20 -7.45
C GLU B 491 -5.50 -11.15 -7.97
N ILE B 492 -5.28 -11.59 -9.21
CA ILE B 492 -3.96 -11.50 -9.82
C ILE B 492 -4.07 -10.71 -11.15
N PRO B 493 -3.31 -9.61 -11.29
CA PRO B 493 -3.55 -8.72 -12.43
C PRO B 493 -2.82 -9.16 -13.72
N PHE B 494 -3.11 -10.37 -14.20
CA PHE B 494 -2.50 -10.87 -15.43
C PHE B 494 -2.67 -9.95 -16.61
N GLU B 495 -3.81 -9.27 -16.69
CA GLU B 495 -4.12 -8.43 -17.85
C GLU B 495 -3.23 -7.19 -17.92
N GLN B 496 -2.47 -6.91 -16.87
CA GLN B 496 -1.53 -5.78 -16.86
C GLN B 496 -0.05 -6.16 -17.04
N ILE B 497 0.23 -7.41 -17.38
CA ILE B 497 1.60 -7.85 -17.62
C ILE B 497 1.97 -7.74 -19.11
N LYS B 498 3.20 -7.32 -19.39
CA LYS B 498 3.71 -7.18 -20.77
C LYS B 498 4.89 -8.12 -21.13
N PRO B 499 4.70 -9.02 -22.12
CA PRO B 499 5.74 -9.98 -22.57
C PRO B 499 6.90 -9.36 -23.38
N VAL B 500 7.79 -10.24 -23.89
CA VAL B 500 8.94 -9.91 -24.76
C VAL B 500 9.96 -9.00 -24.08
C1 GOL C . -8.84 32.01 -10.15
O1 GOL C . -9.35 30.78 -9.66
C2 GOL C . -9.82 33.18 -10.18
O2 GOL C . -10.42 33.39 -8.92
C3 GOL C . -9.02 34.43 -10.42
O3 GOL C . -7.78 34.28 -9.76
C1 GOL D . 18.06 -3.63 13.85
O1 GOL D . 19.45 -3.50 13.86
C2 GOL D . 17.43 -2.59 14.75
O2 GOL D . 18.02 -2.63 16.06
C3 GOL D . 17.52 -1.23 14.07
O3 GOL D . 18.82 -0.68 13.93
C1 GOL E . 1.54 40.27 -20.37
O1 GOL E . 1.06 40.17 -19.04
C2 GOL E . 0.43 40.73 -21.30
O2 GOL E . -0.78 40.75 -20.61
C3 GOL E . 0.25 39.72 -22.40
O3 GOL E . 0.35 38.52 -21.70
C1 GOL F . -3.79 3.32 -25.47
O1 GOL F . -2.82 2.36 -25.82
C2 GOL F . -4.12 2.98 -24.03
O2 GOL F . -2.89 2.96 -23.35
C3 GOL F . -5.07 4.03 -23.45
O3 GOL F . -6.35 3.92 -24.04
C ACT G . 34.14 -1.54 -10.45
O ACT G . 33.84 -2.09 -11.53
OXT ACT G . 34.43 -0.34 -10.55
CH3 ACT G . 34.13 -2.30 -9.14
C1 GOL H . 14.10 15.44 8.92
O1 GOL H . 13.41 15.71 10.12
C2 GOL H . 13.06 15.40 7.81
O2 GOL H . 12.03 14.55 8.28
C3 GOL H . 13.67 14.80 6.54
O3 GOL H . 13.99 15.81 5.61
C ACT I . -14.68 6.52 2.13
O ACT I . -14.36 7.44 1.33
OXT ACT I . -13.78 5.70 2.39
CH3 ACT I . -16.04 6.42 2.76
C1 GOL J . 0.30 31.29 -25.79
O1 GOL J . -0.22 32.38 -25.06
C2 GOL J . -0.57 31.00 -27.02
O2 GOL J . -1.73 31.82 -26.99
C3 GOL J . 0.22 31.24 -28.32
O3 GOL J . 1.63 31.38 -28.14
C ACT K . 37.84 4.75 1.07
O ACT K . 38.25 4.03 0.17
OXT ACT K . 38.16 4.38 2.20
CH3 ACT K . 37.02 5.97 0.83
C ACT L . -12.43 14.49 24.32
O ACT L . -12.62 13.23 24.34
OXT ACT L . -11.27 14.92 24.56
CH3 ACT L . -13.57 15.43 24.03
C ACT M . -0.66 5.17 -0.62
O ACT M . -1.19 4.73 -1.67
OXT ACT M . -0.35 6.38 -0.64
CH3 ACT M . -0.40 4.31 0.60
C ACT N . 17.26 11.24 24.86
O ACT N . 16.23 11.90 24.57
OXT ACT N . 18.33 11.89 25.12
CH3 ACT N . 17.24 9.74 24.89
C1 GOL O . 12.47 28.18 -9.48
O1 GOL O . 12.79 29.41 -10.05
C2 GOL O . 13.18 28.04 -8.14
O2 GOL O . 14.17 27.05 -8.24
C3 GOL O . 12.19 27.54 -7.09
O3 GOL O . 11.87 28.62 -6.26
C ACT P . 3.31 18.47 6.79
O ACT P . 4.30 18.33 7.55
OXT ACT P . 3.13 17.58 5.93
CH3 ACT P . 2.39 19.65 6.92
S SO4 Q . 8.21 25.58 -0.27
O1 SO4 Q . 8.53 24.95 -1.55
O2 SO4 Q . 9.45 26.14 0.29
O3 SO4 Q . 7.28 26.68 -0.48
O4 SO4 Q . 7.60 24.58 0.58
S SO4 R . 14.93 16.70 1.90
O1 SO4 R . 14.55 15.56 1.11
O2 SO4 R . 16.37 16.67 2.17
O3 SO4 R . 14.62 17.93 1.19
O4 SO4 R . 14.17 16.67 3.14
S SO4 S . 36.12 14.07 24.91
O1 SO4 S . 35.60 13.09 25.87
O2 SO4 S . 37.06 13.42 24.00
O3 SO4 S . 35.03 14.69 24.16
O4 SO4 S . 36.83 15.13 25.62
C1 GOL T . 0.79 -19.99 -1.70
O1 GOL T . 0.06 -20.05 -0.50
C2 GOL T . 0.10 -19.16 -2.77
O2 GOL T . -0.74 -18.09 -2.33
C3 GOL T . -0.58 -20.10 -3.75
O3 GOL T . 0.46 -20.75 -4.49
C ACT U . -1.49 -37.50 31.05
O ACT U . -2.43 -37.25 30.28
OXT ACT U . -0.93 -36.51 31.53
CH3 ACT U . -1.06 -38.91 31.36
C ACT V . -17.00 -18.42 2.71
O ACT V . -16.58 -19.27 1.93
OXT ACT V . -16.41 -17.35 2.69
CH3 ACT V . -18.14 -18.72 3.61
C ACT W . -14.88 -15.51 -0.04
O ACT W . -15.40 -15.33 -1.16
OXT ACT W . -14.53 -16.69 0.16
CH3 ACT W . -14.64 -14.44 1.01
C ACT X . -10.57 -15.56 1.34
O ACT X . -11.56 -16.22 1.72
OXT ACT X . -10.71 -14.32 1.40
CH3 ACT X . -9.32 -16.21 0.83
C ACT Y . -7.58 -19.64 7.30
O ACT Y . -8.35 -20.36 7.97
OXT ACT Y . -6.48 -20.12 6.97
CH3 ACT Y . -7.96 -18.26 6.94
C ACT Z . -9.67 -23.18 -1.06
O ACT Z . -10.17 -23.88 -1.96
OXT ACT Z . -9.69 -21.94 -1.25
CH3 ACT Z . -9.09 -23.77 0.20
S SO4 AA . -19.96 -4.79 28.99
O1 SO4 AA . -19.22 -6.03 28.74
O2 SO4 AA . -20.17 -4.56 30.42
O3 SO4 AA . -19.20 -3.67 28.45
O4 SO4 AA . -21.24 -4.85 28.28
#